data_6CX7
#
_entry.id   6CX7
#
_cell.length_a   79.809
_cell.length_b   191.115
_cell.length_c   152.378
_cell.angle_alpha   90.000
_cell.angle_beta   90.000
_cell.angle_gamma   90.000
#
_symmetry.space_group_name_H-M   'C 2 2 21'
#
loop_
_entity.id
_entity.type
_entity.pdbx_description
1 polymer 'Chimeric T cell antigen receptor alpha chain Va14,Va24,Ja18'
2 polymer 'Chimeric T cell antigen receptor beta chain Vb8.2, vb11'
3 polymer 'Antigen-presenting glycoprotein CD1d1'
4 polymer Beta-2-microglobulin
5 branched 2-acetamido-2-deoxy-beta-D-glucopyranose-(1-4)-[alpha-L-fucopyranose-(1-6)]2-acetamido-2-deoxy-beta-D-glucopyranose
6 non-polymer 'SODIUM ION'
7 non-polymer 'PALMITIC ACID'
8 non-polymer 2-acetamido-2-deoxy-beta-D-glucopyranose
9 non-polymer 'N-[(2S,3S,4R)-3,4-dihydroxy-8-oxo-8-[(6-phenylhexyl)amino]-1-{[(2S,3R,4S,5R,6R)-3,4,5-trihydroxy-6-(hydroxymethyl)tetra hydro-2H-pyran-2-yl]oxy}octan-2-yl]dodecanamide'
#
loop_
_entity_poly.entity_id
_entity_poly.type
_entity_poly.pdbx_seq_one_letter_code
_entity_poly.pdbx_strand_id
1 'polypeptide(L)'
;MKTQVEQSPQSLVVRQGENCVLQCNYSVTPDNHLRWFKQDTGKGLVSLTVLVDQKDKTSNGRYSATLDKDAKHSTLHITA
TLLDDTATYICVVGDRGSALGRLHFGAGTQLIVIPDIQNPDPAVYQLRDSKSSDKSVCLFTDFDSQTNVSQSKDSDVYIT
DKCVLDMRSMDFKSNSAVAWSNKSDFACANAFNNSIIPEDTFFPSPESS
;
C
2 'polypeptide(L)'
;MEAAVTQSPRNKVAVTGGKVTLSCNQTNNHNNMYWYRQDTGHGLRLIHYSYGAGSTEKGDIPDGYKASRPSQENFSLILE
LATPSQTSVYFCASGDEGYTQYFGPGTRLLVLEDLRNVTPPKVSLFEPSKAEISHTQKATLVCLATGFYPDHVELSWWVN
GKEVHSGVCTDPQPLKEQPALNDSRYSLSSRLRVSATFWQNPRNHFRCQVQFYGLSENDEWTQDRAKPVTQIVSAEAWGR
A
;
D
3 'polypeptide(L)'
;SEAQQKNYTFRCLQMSSFANRSWSRTDSVVWLGDLQTHRWSNDSATISFTKPWSQGKLSNQQWEKLQHMFQVYRVSFTRD
IQELVKMMSPKEDYPIEIQLSAGCEMYPGNASESFLHVAFQGKYVVRFWGTSWQTVPGAPSWLDLPIKVLNADQGTSATV
QMLLNDTCPLFVRGLLEAGKSDLEKQEKPVAWLSSVPSSAHGHRQLVCHVSGFYPKPVWVMWMRGDQEQQGTHRGDFLPN
ADETWYLQATLDVEAGEEAGLACRVKHSSLGGQDIILYWHHHHHH
;
A
4 'polypeptide(L)'
;IQKTPQIQVYSRHPPENGKPNILNCYVTQFHPPHIEIQMLKNGKKIPKVEMSDMSFSKDWSFYILAHTEFTPTETDTYAC
RVKHASMAEPKTVYWDRDM
;
B
#
loop_
_chem_comp.id
_chem_comp.type
_chem_comp.name
_chem_comp.formula
ELM non-polymer 'N-[(2S,3S,4R)-3,4-dihydroxy-8-oxo-8-[(6-phenylhexyl)amino]-1-{[(2S,3R,4S,5R,6R)-3,4,5-trihydroxy-6-(hydroxymethyl)tetra hydro-2H-pyran-2-yl]oxy}octan-2-yl]dodecanamide' 'C38 H66 N2 O10'
FUC L-saccharide, alpha linking alpha-L-fucopyranose 'C6 H12 O5'
NA non-polymer 'SODIUM ION' 'Na 1'
NAG D-saccharide, beta linking 2-acetamido-2-deoxy-beta-D-glucopyranose 'C8 H15 N O6'
PLM non-polymer 'PALMITIC ACID' 'C16 H32 O2'
#
# COMPACT_ATOMS: atom_id res chain seq x y z
N THR A 3 -0.34 16.35 -3.92
CA THR A 3 -0.57 14.89 -3.67
C THR A 3 0.38 14.00 -4.50
N GLN A 4 0.35 12.71 -4.22
CA GLN A 4 1.32 11.76 -4.79
C GLN A 4 1.05 11.30 -6.23
N VAL A 5 -0.17 11.52 -6.72
CA VAL A 5 -0.54 11.18 -8.09
C VAL A 5 -1.26 12.38 -8.76
N GLU A 6 -0.59 12.99 -9.75
CA GLU A 6 -1.12 14.16 -10.48
C GLU A 6 -1.43 13.77 -11.92
N GLN A 7 -2.59 14.21 -12.39
CA GLN A 7 -3.09 13.88 -13.70
C GLN A 7 -3.29 15.20 -14.44
N SER A 8 -2.99 15.17 -15.74
CA SER A 8 -3.08 16.34 -16.60
C SER A 8 -3.59 15.91 -18.00
N PRO A 9 -4.39 16.71 -18.71
CA PRO A 9 -5.05 17.92 -18.20
C PRO A 9 -6.17 17.60 -17.23
N GLN A 10 -6.68 18.63 -16.56
CA GLN A 10 -7.78 18.43 -15.62
C GLN A 10 -9.06 18.07 -16.40
N SER A 11 -9.25 18.70 -17.56
CA SER A 11 -10.33 18.34 -18.46
C SER A 11 -10.02 18.75 -19.91
N LEU A 12 -10.69 18.13 -20.87
CA LEU A 12 -10.54 18.48 -22.28
C LEU A 12 -11.76 18.11 -23.11
N VAL A 13 -12.02 18.90 -24.16
CA VAL A 13 -13.13 18.72 -25.08
C VAL A 13 -12.53 18.35 -26.42
N VAL A 14 -12.93 17.22 -27.01
CA VAL A 14 -12.42 16.80 -28.33
C VAL A 14 -13.58 16.38 -29.21
N ARG A 15 -13.40 16.54 -30.52
CA ARG A 15 -14.45 16.18 -31.49
C ARG A 15 -14.28 14.71 -31.85
N GLN A 16 -15.41 14.00 -31.99
CA GLN A 16 -15.42 12.60 -32.43
C GLN A 16 -14.40 12.31 -33.53
N GLY A 17 -13.70 11.19 -33.42
CA GLY A 17 -12.67 10.80 -34.39
C GLY A 17 -11.27 11.37 -34.18
N GLU A 18 -11.10 12.34 -33.28
CA GLU A 18 -9.78 12.92 -32.97
C GLU A 18 -9.11 12.02 -31.93
N ASN A 19 -7.79 12.07 -31.85
CA ASN A 19 -7.03 11.40 -30.78
C ASN A 19 -6.81 12.37 -29.62
N CYS A 20 -6.57 11.80 -28.44
CA CYS A 20 -6.14 12.58 -27.29
C CYS A 20 -5.15 11.80 -26.43
N VAL A 21 -4.40 12.54 -25.63
CA VAL A 21 -3.34 12.01 -24.80
C VAL A 21 -3.64 12.47 -23.38
N LEU A 22 -3.49 11.55 -22.44
CA LEU A 22 -3.80 11.78 -21.05
C LEU A 22 -2.53 11.50 -20.25
N GLN A 23 -2.15 12.42 -19.36
CA GLN A 23 -0.87 12.33 -18.63
C GLN A 23 -1.10 11.96 -17.15
N CYS A 24 -0.21 11.14 -16.62
CA CYS A 24 -0.16 10.81 -15.19
C CYS A 24 1.27 10.87 -14.69
N ASN A 25 1.52 11.71 -13.69
CA ASN A 25 2.83 11.83 -13.03
C ASN A 25 2.64 11.59 -11.54
N TYR A 26 3.61 10.91 -10.94
CA TYR A 26 3.51 10.52 -9.55
C TYR A 26 4.84 10.58 -8.79
N SER A 27 4.74 10.69 -7.47
CA SER A 27 5.90 10.55 -6.56
C SER A 27 5.85 9.28 -5.67
N VAL A 28 4.85 8.43 -5.86
CA VAL A 28 4.66 7.20 -5.07
C VAL A 28 5.94 6.33 -5.07
N THR A 29 6.28 5.74 -3.91
CA THR A 29 7.48 4.88 -3.74
C THR A 29 7.22 3.70 -2.79
N PRO A 30 7.47 2.44 -3.20
CA PRO A 30 7.83 2.06 -4.57
C PRO A 30 6.64 2.12 -5.51
N ASP A 31 6.92 1.92 -6.79
CA ASP A 31 5.91 1.88 -7.86
C ASP A 31 5.88 0.50 -8.52
N ASN A 32 5.05 -0.41 -8.00
CA ASN A 32 4.95 -1.79 -8.56
C ASN A 32 4.20 -1.81 -9.88
N HIS A 33 3.01 -1.26 -9.90
CA HIS A 33 2.19 -1.21 -11.10
C HIS A 33 1.35 0.05 -11.19
N LEU A 34 0.89 0.37 -12.40
CA LEU A 34 0.02 1.51 -12.64
C LEU A 34 -1.17 1.08 -13.49
N ARG A 35 -2.37 1.37 -13.00
CA ARG A 35 -3.61 1.01 -13.67
C ARG A 35 -4.35 2.26 -14.13
N TRP A 36 -5.01 2.16 -15.27
CA TRP A 36 -5.94 3.21 -15.73
C TRP A 36 -7.39 2.71 -15.67
N PHE A 37 -8.26 3.46 -14.98
CA PHE A 37 -9.67 3.15 -14.94
C PHE A 37 -10.43 4.13 -15.83
N LYS A 38 -11.58 3.70 -16.33
CA LYS A 38 -12.57 4.58 -16.97
C LYS A 38 -13.81 4.59 -16.08
N GLN A 39 -14.37 5.77 -15.84
CA GLN A 39 -15.57 5.91 -15.02
C GLN A 39 -16.57 6.79 -15.75
N ASP A 40 -17.64 6.17 -16.27
CA ASP A 40 -18.81 6.92 -16.79
C ASP A 40 -19.46 7.64 -15.63
N THR A 41 -20.14 8.74 -15.92
CA THR A 41 -20.82 9.54 -14.90
C THR A 41 -21.79 8.67 -14.08
N GLY A 42 -21.64 8.73 -12.76
CA GLY A 42 -22.48 7.97 -11.83
C GLY A 42 -22.30 6.46 -11.82
N LYS A 43 -21.28 5.93 -12.50
CA LYS A 43 -21.14 4.49 -12.67
C LYS A 43 -19.83 3.98 -12.01
N GLY A 44 -19.38 2.78 -12.39
CA GLY A 44 -18.28 2.11 -11.72
C GLY A 44 -16.93 2.22 -12.41
N LEU A 45 -15.94 1.61 -11.77
CA LEU A 45 -14.57 1.66 -12.21
C LEU A 45 -14.28 0.49 -13.12
N VAL A 46 -14.14 0.75 -14.42
CA VAL A 46 -13.79 -0.25 -15.41
C VAL A 46 -12.30 -0.17 -15.76
N SER A 47 -11.59 -1.28 -15.56
CA SER A 47 -10.14 -1.33 -15.78
C SER A 47 -9.87 -1.34 -17.27
N LEU A 48 -8.91 -0.54 -17.71
CA LEU A 48 -8.55 -0.45 -19.13
C LEU A 48 -7.25 -1.17 -19.43
N THR A 49 -6.27 -1.00 -18.56
CA THR A 49 -4.96 -1.59 -18.74
C THR A 49 -4.18 -1.51 -17.43
N VAL A 50 -3.24 -2.43 -17.28
CA VAL A 50 -2.35 -2.46 -16.14
C VAL A 50 -0.92 -2.61 -16.66
N LEU A 51 -0.07 -1.66 -16.30
CA LEU A 51 1.33 -1.62 -16.71
C LEU A 51 2.18 -1.99 -15.52
N VAL A 52 3.10 -2.94 -15.69
CA VAL A 52 3.90 -3.45 -14.57
C VAL A 52 5.43 -3.30 -14.69
N ASP A 53 5.97 -3.11 -15.90
CA ASP A 53 7.43 -3.12 -16.13
C ASP A 53 8.07 -1.74 -16.05
N GLN A 54 9.41 -1.73 -16.03
CA GLN A 54 10.23 -0.50 -15.94
C GLN A 54 9.95 0.51 -17.06
N LYS A 55 9.93 0.00 -18.29
CA LYS A 55 9.44 0.70 -19.48
C LYS A 55 8.40 -0.24 -20.05
N ASP A 56 7.14 0.16 -20.09
CA ASP A 56 6.07 -0.75 -20.51
C ASP A 56 5.14 -0.08 -21.51
N LYS A 57 4.54 -0.92 -22.36
CA LYS A 57 3.58 -0.50 -23.37
C LYS A 57 2.44 -1.49 -23.31
N THR A 58 1.21 -1.02 -23.51
CA THR A 58 0.06 -1.92 -23.61
C THR A 58 -0.90 -1.38 -24.64
N SER A 59 -1.81 -2.23 -25.08
CA SER A 59 -2.91 -1.82 -25.96
C SER A 59 -4.15 -2.62 -25.66
N ASN A 60 -5.30 -2.06 -25.99
CA ASN A 60 -6.57 -2.70 -25.73
C ASN A 60 -7.56 -1.94 -26.60
N GLY A 61 -7.66 -2.41 -27.84
CA GLY A 61 -8.44 -1.75 -28.87
C GLY A 61 -7.90 -0.36 -29.15
N ARG A 62 -8.75 0.64 -28.95
CA ARG A 62 -8.40 2.03 -29.23
C ARG A 62 -7.57 2.70 -28.12
N TYR A 63 -7.52 2.09 -26.93
CA TYR A 63 -6.68 2.57 -25.82
C TYR A 63 -5.30 1.97 -25.95
N SER A 64 -4.26 2.80 -25.86
CA SER A 64 -2.89 2.30 -25.69
C SER A 64 -2.23 3.15 -24.61
N ALA A 65 -1.22 2.60 -23.94
CA ALA A 65 -0.64 3.28 -22.79
C ALA A 65 0.83 3.00 -22.65
N THR A 66 1.51 3.85 -21.89
CA THR A 66 2.93 3.67 -21.59
C THR A 66 3.25 3.99 -20.13
N LEU A 67 4.36 3.42 -19.65
CA LEU A 67 4.88 3.67 -18.31
C LEU A 67 6.40 3.76 -18.36
N ASP A 68 6.95 4.79 -17.73
CA ASP A 68 8.40 4.91 -17.53
C ASP A 68 8.56 5.08 -16.03
N LYS A 69 9.08 4.04 -15.37
CA LYS A 69 9.30 4.10 -13.92
C LYS A 69 10.38 5.07 -13.46
N ASP A 70 11.43 5.27 -14.27
CA ASP A 70 12.48 6.25 -13.96
C ASP A 70 11.97 7.71 -13.93
N ALA A 71 11.15 8.07 -14.92
CA ALA A 71 10.52 9.38 -14.98
C ALA A 71 9.28 9.47 -14.08
N LYS A 72 8.75 8.32 -13.65
CA LYS A 72 7.53 8.23 -12.86
C LYS A 72 6.39 8.88 -13.65
N HIS A 73 6.19 8.37 -14.85
CA HIS A 73 5.29 8.98 -15.82
C HIS A 73 4.54 7.93 -16.64
N SER A 74 3.23 8.15 -16.83
CA SER A 74 2.40 7.30 -17.71
C SER A 74 1.53 8.17 -18.61
N THR A 75 1.34 7.74 -19.85
CA THR A 75 0.40 8.36 -20.78
C THR A 75 -0.64 7.33 -21.22
N LEU A 76 -1.89 7.76 -21.36
CA LEU A 76 -2.92 6.92 -21.96
C LEU A 76 -3.30 7.61 -23.26
N HIS A 77 -3.24 6.89 -24.39
CA HIS A 77 -3.64 7.42 -25.70
C HIS A 77 -4.96 6.78 -26.09
N ILE A 78 -5.91 7.58 -26.53
CA ILE A 78 -7.20 7.10 -27.08
C ILE A 78 -7.24 7.47 -28.54
N THR A 79 -7.29 6.47 -29.42
CA THR A 79 -7.32 6.70 -30.87
C THR A 79 -8.78 6.77 -31.35
N ALA A 80 -9.07 7.70 -32.26
CA ALA A 80 -10.39 7.80 -32.88
C ALA A 80 -11.53 7.80 -31.85
N THR A 81 -11.63 8.90 -31.12
CA THR A 81 -12.57 9.03 -30.02
C THR A 81 -14.01 8.81 -30.47
N LEU A 82 -14.81 8.16 -29.62
CA LEU A 82 -16.25 7.97 -29.84
C LEU A 82 -16.98 8.66 -28.72
N LEU A 83 -18.27 8.87 -28.93
CA LEU A 83 -19.12 9.56 -27.97
C LEU A 83 -19.01 8.88 -26.59
N ASP A 84 -19.04 7.55 -26.57
CA ASP A 84 -18.95 6.75 -25.32
C ASP A 84 -17.63 6.87 -24.54
N ASP A 85 -16.60 7.50 -25.10
CA ASP A 85 -15.41 7.85 -24.33
C ASP A 85 -15.62 9.04 -23.39
N THR A 86 -16.75 9.74 -23.50
CA THR A 86 -17.12 10.75 -22.52
C THR A 86 -17.19 10.13 -21.10
N ALA A 87 -16.20 10.46 -20.28
CA ALA A 87 -15.95 9.77 -19.02
C ALA A 87 -14.81 10.47 -18.28
N THR A 88 -14.58 10.03 -17.05
CA THR A 88 -13.43 10.45 -16.27
C THR A 88 -12.41 9.31 -16.30
N TYR A 89 -11.14 9.66 -16.51
CA TYR A 89 -10.07 8.69 -16.62
C TYR A 89 -9.15 8.82 -15.41
N ILE A 90 -8.95 7.72 -14.70
CA ILE A 90 -8.32 7.73 -13.40
C ILE A 90 -7.07 6.88 -13.41
N CYS A 91 -6.02 7.44 -12.84
CA CYS A 91 -4.72 6.85 -12.78
C CYS A 91 -4.52 6.34 -11.36
N VAL A 92 -4.12 5.08 -11.21
CA VAL A 92 -3.93 4.46 -9.88
C VAL A 92 -2.56 3.81 -9.82
N VAL A 93 -1.80 4.06 -8.75
CA VAL A 93 -0.47 3.48 -8.57
C VAL A 93 -0.46 2.63 -7.29
N GLY A 94 -0.02 1.38 -7.44
CA GLY A 94 0.01 0.40 -6.38
C GLY A 94 1.45 0.24 -5.95
N ASP A 95 1.68 0.32 -4.64
CA ASP A 95 3.05 0.33 -4.11
C ASP A 95 3.58 -1.07 -3.72
N ARG A 96 2.81 -2.13 -3.93
CA ARG A 96 3.31 -3.51 -3.75
C ARG A 96 2.76 -4.44 -4.81
N GLY A 97 3.49 -5.54 -5.05
CA GLY A 97 2.99 -6.65 -5.87
C GLY A 97 2.16 -7.69 -5.14
N SER A 98 1.54 -7.31 -4.02
CA SER A 98 0.70 -8.17 -3.20
C SER A 98 -0.37 -7.35 -2.47
N ALA A 99 -1.29 -8.04 -1.79
CA ALA A 99 -2.34 -7.41 -0.98
C ALA A 99 -1.84 -6.61 0.21
N LEU A 100 -0.53 -6.67 0.50
CA LEU A 100 0.12 -5.72 1.41
C LEU A 100 0.18 -4.28 0.89
N GLY A 101 -0.12 -4.09 -0.40
CA GLY A 101 -0.09 -2.81 -1.07
C GLY A 101 -1.20 -1.86 -0.68
N ARG A 102 -0.91 -0.57 -0.84
CA ARG A 102 -1.90 0.48 -0.89
C ARG A 102 -2.02 1.00 -2.31
N LEU A 103 -3.24 1.34 -2.72
CA LEU A 103 -3.51 2.06 -3.97
C LEU A 103 -3.53 3.58 -3.73
N HIS A 104 -2.85 4.31 -4.61
CA HIS A 104 -2.73 5.75 -4.58
C HIS A 104 -3.47 6.29 -5.80
N PHE A 105 -4.65 6.85 -5.58
CA PHE A 105 -5.55 7.27 -6.65
C PHE A 105 -5.28 8.69 -7.08
N GLY A 106 -5.24 8.91 -8.39
CA GLY A 106 -5.24 10.25 -8.96
C GLY A 106 -6.66 10.75 -9.00
N ALA A 107 -6.82 12.06 -9.12
CA ALA A 107 -8.11 12.71 -9.08
C ALA A 107 -8.83 12.67 -10.44
N GLY A 108 -8.10 12.36 -11.52
CA GLY A 108 -8.76 12.09 -12.78
C GLY A 108 -8.80 13.23 -13.76
N THR A 109 -8.90 12.87 -15.03
CA THR A 109 -9.04 13.81 -16.15
C THR A 109 -10.42 13.57 -16.73
N GLN A 110 -11.19 14.64 -16.88
CA GLN A 110 -12.52 14.58 -17.50
C GLN A 110 -12.45 14.79 -19.03
N LEU A 111 -12.94 13.82 -19.80
CA LEU A 111 -13.01 13.91 -21.25
C LEU A 111 -14.45 14.09 -21.68
N ILE A 112 -14.65 15.01 -22.63
CA ILE A 112 -15.93 15.22 -23.29
C ILE A 112 -15.69 15.11 -24.79
N VAL A 113 -16.35 14.15 -25.43
CA VAL A 113 -16.26 13.95 -26.87
C VAL A 113 -17.49 14.58 -27.51
N ILE A 114 -17.30 15.50 -28.46
CA ILE A 114 -18.43 16.14 -29.15
C ILE A 114 -18.80 15.29 -30.37
N PRO A 115 -20.07 14.82 -30.42
CA PRO A 115 -20.48 13.91 -31.50
C PRO A 115 -20.60 14.58 -32.87
N ASP A 116 -20.39 13.77 -33.90
CA ASP A 116 -20.49 14.22 -35.29
C ASP A 116 -21.94 14.03 -35.74
N ILE A 117 -22.63 15.13 -36.01
CA ILE A 117 -23.99 15.08 -36.58
C ILE A 117 -23.89 15.18 -38.09
N GLN A 118 -24.18 14.07 -38.77
CA GLN A 118 -24.02 13.95 -40.24
C GLN A 118 -24.99 14.83 -41.03
N ASN A 119 -26.29 14.60 -40.82
CA ASN A 119 -27.35 15.22 -41.62
C ASN A 119 -28.29 16.06 -40.75
N PRO A 120 -27.84 17.27 -40.33
CA PRO A 120 -28.69 18.12 -39.47
C PRO A 120 -30.03 18.52 -40.12
N ASP A 121 -31.04 18.68 -39.28
CA ASP A 121 -32.40 18.99 -39.73
C ASP A 121 -33.14 19.67 -38.56
N PRO A 122 -32.62 20.81 -38.08
CA PRO A 122 -33.17 21.45 -36.86
C PRO A 122 -34.67 21.74 -36.95
N ALA A 123 -35.40 21.34 -35.91
CA ALA A 123 -36.84 21.57 -35.82
C ALA A 123 -37.29 21.71 -34.38
N VAL A 124 -38.51 22.22 -34.21
CA VAL A 124 -39.16 22.35 -32.92
C VAL A 124 -40.58 21.78 -33.03
N TYR A 125 -40.80 20.64 -32.38
CA TYR A 125 -42.12 19.98 -32.34
C TYR A 125 -42.79 20.17 -31.00
N GLN A 126 -44.11 20.01 -30.99
CA GLN A 126 -44.92 20.00 -29.78
C GLN A 126 -45.33 18.57 -29.48
N LEU A 127 -45.14 18.12 -28.23
CA LEU A 127 -45.56 16.77 -27.79
C LEU A 127 -46.64 16.89 -26.72
N ARG A 128 -47.67 16.05 -26.78
CA ARG A 128 -48.77 16.09 -25.81
C ARG A 128 -48.72 14.94 -24.77
N ASP A 129 -49.12 15.23 -23.53
CA ASP A 129 -49.10 14.24 -22.44
C ASP A 129 -50.11 13.11 -22.70
N SER A 130 -49.74 11.89 -22.31
CA SER A 130 -50.51 10.68 -22.61
C SER A 130 -51.85 10.58 -21.86
N LYS A 131 -51.84 10.88 -20.56
CA LYS A 131 -53.04 10.91 -19.73
C LYS A 131 -53.79 12.22 -19.95
N SER A 132 -53.17 13.34 -19.53
CA SER A 132 -53.77 14.67 -19.62
C SER A 132 -53.37 15.42 -20.91
N SER A 133 -54.14 15.21 -21.98
CA SER A 133 -53.80 15.71 -23.34
C SER A 133 -53.61 17.23 -23.51
N ASP A 134 -54.09 18.02 -22.55
CA ASP A 134 -53.97 19.50 -22.59
C ASP A 134 -52.66 20.12 -22.03
N LYS A 135 -51.74 19.30 -21.51
CA LYS A 135 -50.39 19.75 -21.12
C LYS A 135 -49.38 19.32 -22.19
N SER A 136 -48.26 20.01 -22.29
CA SER A 136 -47.31 19.78 -23.41
C SER A 136 -45.88 20.23 -23.15
N VAL A 137 -44.99 19.79 -24.04
CA VAL A 137 -43.58 20.18 -24.03
C VAL A 137 -43.15 20.55 -25.45
N CYS A 138 -42.02 21.25 -25.54
CA CYS A 138 -41.47 21.68 -26.81
C CYS A 138 -40.12 21.04 -26.98
N LEU A 139 -39.98 20.26 -28.05
CA LEU A 139 -38.79 19.50 -28.32
C LEU A 139 -38.00 20.15 -29.46
N PHE A 140 -36.91 20.82 -29.12
CA PHE A 140 -35.95 21.34 -30.11
C PHE A 140 -34.96 20.23 -30.39
N THR A 141 -34.94 19.69 -31.61
CA THR A 141 -34.10 18.52 -31.95
C THR A 141 -33.41 18.63 -33.32
N ASP A 142 -32.44 17.74 -33.52
CA ASP A 142 -31.71 17.56 -34.79
C ASP A 142 -30.78 18.71 -35.27
N PHE A 143 -30.50 19.67 -34.38
CA PHE A 143 -29.46 20.68 -34.60
C PHE A 143 -28.05 20.06 -34.47
N ASP A 144 -27.06 20.62 -35.16
CA ASP A 144 -25.67 20.14 -35.02
C ASP A 144 -24.98 20.75 -33.80
N SER A 145 -23.79 20.26 -33.48
CA SER A 145 -23.10 20.60 -32.22
C SER A 145 -22.53 22.03 -32.12
N GLN A 146 -22.52 22.79 -33.21
CA GLN A 146 -22.18 24.24 -33.19
C GLN A 146 -23.36 25.17 -32.76
N THR A 147 -24.47 24.61 -32.26
CA THR A 147 -25.60 25.37 -31.70
C THR A 147 -25.65 25.23 -30.16
N ASN A 148 -25.69 26.37 -29.47
CA ASN A 148 -25.84 26.43 -28.01
C ASN A 148 -27.31 26.63 -27.66
N VAL A 149 -27.75 26.00 -26.58
CA VAL A 149 -29.09 26.21 -26.05
C VAL A 149 -28.95 27.01 -24.77
N SER A 150 -29.39 28.26 -24.82
CA SER A 150 -29.38 29.13 -23.63
C SER A 150 -30.60 28.82 -22.78
N GLN A 151 -30.44 29.02 -21.46
CA GLN A 151 -31.56 28.99 -20.50
C GLN A 151 -32.56 30.11 -20.82
N SER A 152 -33.73 30.03 -20.19
CA SER A 152 -34.85 30.92 -20.55
C SER A 152 -34.72 32.31 -19.93
N LYS A 153 -35.26 33.30 -20.64
CA LYS A 153 -35.40 34.67 -20.12
C LYS A 153 -36.48 34.68 -19.02
N ASP A 154 -37.65 34.13 -19.33
CA ASP A 154 -38.73 33.95 -18.34
C ASP A 154 -38.35 32.83 -17.36
N SER A 155 -38.46 33.10 -16.05
CA SER A 155 -38.04 32.14 -15.02
C SER A 155 -39.06 31.01 -14.80
N ASP A 156 -40.33 31.28 -15.09
CA ASP A 156 -41.39 30.26 -15.04
C ASP A 156 -41.37 29.29 -16.23
N VAL A 157 -40.62 29.61 -17.29
CA VAL A 157 -40.33 28.66 -18.38
C VAL A 157 -39.08 27.84 -18.04
N TYR A 158 -39.10 26.55 -18.38
CA TYR A 158 -37.99 25.62 -18.13
C TYR A 158 -37.43 25.16 -19.46
N ILE A 159 -36.10 25.22 -19.60
CA ILE A 159 -35.40 24.72 -20.79
C ILE A 159 -34.23 23.90 -20.31
N THR A 160 -34.08 22.68 -20.85
CA THR A 160 -32.98 21.80 -20.46
C THR A 160 -31.79 22.06 -21.35
N ASP A 161 -30.61 21.64 -20.88
CA ASP A 161 -29.41 21.72 -21.68
C ASP A 161 -29.49 20.66 -22.77
N LYS A 162 -28.67 20.78 -23.80
CA LYS A 162 -28.65 19.79 -24.87
C LYS A 162 -28.16 18.44 -24.38
N CYS A 163 -28.43 17.41 -25.17
CA CYS A 163 -28.20 16.04 -24.76
C CYS A 163 -28.26 15.18 -26.01
N VAL A 164 -27.27 14.32 -26.21
CA VAL A 164 -27.19 13.55 -27.47
C VAL A 164 -27.55 12.06 -27.30
N LEU A 165 -28.46 11.58 -28.14
CA LEU A 165 -28.91 10.20 -28.14
C LEU A 165 -28.42 9.46 -29.39
N ASP A 166 -28.31 8.14 -29.24
CA ASP A 166 -27.66 7.28 -30.23
C ASP A 166 -28.59 6.11 -30.52
N MET A 167 -29.23 6.14 -31.68
CA MET A 167 -30.08 5.03 -32.11
C MET A 167 -29.15 3.96 -32.65
N ARG A 168 -28.63 3.16 -31.73
CA ARG A 168 -27.44 2.33 -31.94
C ARG A 168 -27.53 1.42 -33.18
N SER A 169 -28.70 0.85 -33.43
CA SER A 169 -28.90 -0.07 -34.58
C SER A 169 -28.84 0.60 -35.97
N MET A 170 -29.15 1.90 -36.06
CA MET A 170 -29.10 2.66 -37.32
C MET A 170 -27.90 3.61 -37.46
N ASP A 171 -26.95 3.57 -36.52
CA ASP A 171 -25.75 4.41 -36.58
C ASP A 171 -26.09 5.91 -36.68
N PHE A 172 -27.09 6.32 -35.89
CA PHE A 172 -27.71 7.63 -36.00
C PHE A 172 -27.64 8.38 -34.65
N LYS A 173 -27.24 9.64 -34.70
CA LYS A 173 -27.14 10.49 -33.51
C LYS A 173 -27.96 11.75 -33.68
N SER A 174 -28.55 12.22 -32.58
CA SER A 174 -29.27 13.50 -32.58
C SER A 174 -29.23 14.20 -31.22
N ASN A 175 -28.98 15.51 -31.28
CA ASN A 175 -29.03 16.39 -30.12
C ASN A 175 -30.48 16.78 -29.92
N SER A 176 -30.83 17.12 -28.69
CA SER A 176 -32.12 17.73 -28.41
C SER A 176 -32.06 18.52 -27.11
N ALA A 177 -32.97 19.48 -26.99
CA ALA A 177 -33.33 20.07 -25.70
C ALA A 177 -34.86 20.17 -25.61
N VAL A 178 -35.37 20.22 -24.38
CA VAL A 178 -36.81 20.22 -24.08
C VAL A 178 -37.12 21.49 -23.31
N ALA A 179 -38.24 22.12 -23.66
CA ALA A 179 -38.74 23.29 -22.94
C ALA A 179 -40.22 23.11 -22.58
N TRP A 180 -40.61 23.55 -21.39
CA TRP A 180 -42.01 23.49 -20.95
C TRP A 180 -42.34 24.60 -19.97
N SER A 181 -43.63 24.90 -19.85
CA SER A 181 -44.15 25.93 -18.93
C SER A 181 -45.69 25.92 -18.88
N ASN A 182 -46.25 26.02 -17.68
CA ASN A 182 -47.71 26.24 -17.52
C ASN A 182 -48.18 27.63 -18.01
N LYS A 183 -47.47 28.69 -17.61
CA LYS A 183 -47.89 30.07 -17.85
C LYS A 183 -47.54 30.58 -19.25
N ASP A 185 -49.45 32.55 -24.30
CA ASP A 185 -48.33 33.01 -23.50
C ASP A 185 -47.07 32.15 -23.75
N PHE A 186 -47.19 30.83 -23.54
CA PHE A 186 -46.12 29.88 -23.88
C PHE A 186 -46.48 28.96 -25.06
N ALA A 187 -45.75 29.11 -26.15
CA ALA A 187 -45.87 28.28 -27.33
C ALA A 187 -44.47 27.98 -27.85
N CYS A 188 -44.36 26.96 -28.67
CA CYS A 188 -43.06 26.46 -29.09
C CYS A 188 -42.31 27.37 -30.09
N ALA A 189 -43.04 28.19 -30.84
CA ALA A 189 -42.42 29.23 -31.68
C ALA A 189 -41.61 30.25 -30.86
N ASN A 190 -42.11 30.59 -29.67
CA ASN A 190 -41.46 31.54 -28.75
C ASN A 190 -40.51 30.90 -27.73
N ALA A 191 -40.52 29.57 -27.63
CA ALA A 191 -39.86 28.86 -26.52
C ALA A 191 -38.33 28.99 -26.49
N PHE A 192 -37.70 28.88 -27.66
CA PHE A 192 -36.24 29.02 -27.77
C PHE A 192 -35.79 30.38 -28.36
N ASN A 193 -36.55 31.44 -28.06
CA ASN A 193 -36.24 32.83 -28.52
C ASN A 193 -34.90 33.36 -27.98
N ASN A 194 -34.56 33.02 -26.74
CA ASN A 194 -33.31 33.47 -26.10
C ASN A 194 -32.06 32.67 -26.54
N SER A 195 -32.14 31.90 -27.63
CA SER A 195 -31.01 31.11 -28.16
C SER A 195 -30.74 31.47 -29.63
N ILE A 196 -29.47 31.48 -30.03
CA ILE A 196 -29.10 31.63 -31.44
C ILE A 196 -29.32 30.29 -32.15
N ILE A 197 -30.53 30.13 -32.72
CA ILE A 197 -30.92 28.91 -33.47
C ILE A 197 -30.83 29.15 -34.98
N PRO A 198 -30.50 28.10 -35.77
CA PRO A 198 -30.42 28.19 -37.24
C PRO A 198 -31.62 28.85 -37.97
N GLU A 199 -31.37 29.43 -39.14
CA GLU A 199 -32.44 30.05 -39.95
C GLU A 199 -33.31 28.99 -40.62
N ASP A 200 -32.73 27.86 -41.03
CA ASP A 200 -33.49 26.75 -41.66
C ASP A 200 -34.42 25.92 -40.73
N THR A 201 -34.45 26.25 -39.43
CA THR A 201 -35.24 25.52 -38.43
C THR A 201 -36.72 25.36 -38.80
N PHE A 202 -37.18 24.11 -38.85
CA PHE A 202 -38.58 23.78 -39.17
C PHE A 202 -39.51 24.05 -37.98
N PHE A 203 -40.47 24.96 -38.18
CA PHE A 203 -41.56 25.20 -37.23
C PHE A 203 -42.88 24.76 -37.87
N PRO A 204 -43.33 23.51 -37.59
CA PRO A 204 -44.55 23.00 -38.24
C PRO A 204 -45.84 23.61 -37.68
N SER A 205 -46.95 23.38 -38.39
CA SER A 205 -48.33 23.66 -37.87
C SER A 205 -49.36 23.53 -38.99
N ALA B 3 -15.18 -12.60 -10.98
CA ALA B 3 -15.17 -12.24 -9.53
C ALA B 3 -16.00 -10.98 -9.21
N ALA B 4 -17.30 -11.18 -8.91
CA ALA B 4 -18.27 -10.08 -8.73
C ALA B 4 -18.45 -9.68 -7.25
N VAL B 5 -18.62 -8.37 -7.02
CA VAL B 5 -18.82 -7.78 -5.69
C VAL B 5 -20.09 -6.92 -5.70
N THR B 6 -20.98 -7.14 -4.73
CA THR B 6 -22.26 -6.41 -4.65
C THR B 6 -22.27 -5.45 -3.45
N GLN B 7 -22.93 -4.31 -3.63
CA GLN B 7 -23.13 -3.32 -2.56
C GLN B 7 -24.61 -3.07 -2.33
N SER B 8 -25.00 -2.84 -1.09
CA SER B 8 -26.37 -2.45 -0.80
C SER B 8 -26.40 -1.51 0.39
N PRO B 9 -27.25 -0.49 0.37
CA PRO B 9 -28.07 -0.10 -0.77
C PRO B 9 -27.23 0.59 -1.83
N ARG B 10 -27.77 0.70 -3.03
CA ARG B 10 -27.08 1.37 -4.13
C ARG B 10 -27.24 2.89 -4.06
N ASN B 11 -28.20 3.37 -3.28
CA ASN B 11 -28.45 4.78 -3.16
C ASN B 11 -29.26 4.99 -1.87
N LYS B 12 -28.94 6.03 -1.11
CA LYS B 12 -29.53 6.24 0.22
C LYS B 12 -29.60 7.71 0.61
N VAL B 13 -30.76 8.11 1.13
CA VAL B 13 -30.92 9.43 1.75
C VAL B 13 -31.09 9.23 3.24
N ALA B 14 -30.31 9.99 4.01
CA ALA B 14 -30.32 9.93 5.47
C ALA B 14 -30.24 11.32 6.05
N VAL B 15 -30.54 11.39 7.34
CA VAL B 15 -30.56 12.63 8.11
C VAL B 15 -29.38 12.70 9.08
N THR B 16 -28.97 13.92 9.42
CA THR B 16 -27.94 14.16 10.43
C THR B 16 -28.34 13.55 11.77
N GLY B 17 -27.41 12.85 12.40
CA GLY B 17 -27.67 12.09 13.61
C GLY B 17 -28.11 10.65 13.37
N GLY B 18 -28.64 10.36 12.19
CA GLY B 18 -29.10 9.03 11.85
C GLY B 18 -27.97 8.02 11.73
N LYS B 19 -28.34 6.75 11.88
CA LYS B 19 -27.43 5.61 11.73
C LYS B 19 -27.58 5.13 10.31
N VAL B 20 -26.48 5.14 9.55
CA VAL B 20 -26.46 4.54 8.22
C VAL B 20 -25.49 3.37 8.19
N THR B 21 -25.93 2.27 7.57
CA THR B 21 -25.12 1.07 7.42
C THR B 21 -25.00 0.78 5.94
N LEU B 22 -23.77 0.80 5.42
CA LEU B 22 -23.48 0.40 4.04
C LEU B 22 -22.88 -1.00 4.06
N SER B 23 -23.38 -1.88 3.20
CA SER B 23 -22.99 -3.30 3.21
C SER B 23 -22.36 -3.71 1.89
N CYS B 24 -21.55 -4.75 1.96
CA CYS B 24 -20.82 -5.24 0.82
C CYS B 24 -20.78 -6.76 0.86
N ASN B 25 -21.19 -7.42 -0.22
CA ASN B 25 -21.14 -8.87 -0.31
C ASN B 25 -20.28 -9.37 -1.48
N GLN B 26 -19.61 -10.48 -1.22
CA GLN B 26 -18.53 -10.98 -2.03
C GLN B 26 -18.50 -12.51 -1.83
N THR B 27 -18.75 -13.28 -2.90
CA THR B 27 -18.87 -14.77 -2.82
C THR B 27 -17.66 -15.50 -3.40
N ASN B 28 -16.52 -14.82 -3.49
CA ASN B 28 -15.29 -15.35 -4.11
C ASN B 28 -14.34 -16.02 -3.09
N ASN B 29 -14.70 -15.99 -1.81
CA ASN B 29 -13.85 -16.50 -0.72
C ASN B 29 -12.54 -15.70 -0.61
N HIS B 30 -12.62 -14.38 -0.88
CA HIS B 30 -11.50 -13.45 -0.65
C HIS B 30 -11.40 -13.10 0.83
N ASN B 31 -10.20 -13.29 1.41
CA ASN B 31 -9.94 -12.86 2.78
C ASN B 31 -10.08 -11.34 3.02
N ASN B 32 -9.84 -10.51 2.00
CA ASN B 32 -9.54 -9.10 2.21
C ASN B 32 -10.60 -8.19 1.59
N MET B 33 -11.06 -7.19 2.34
CA MET B 33 -12.04 -6.24 1.83
C MET B 33 -11.70 -4.80 2.26
N TYR B 34 -12.24 -3.85 1.51
CA TYR B 34 -11.73 -2.48 1.53
C TYR B 34 -12.89 -1.57 1.24
N TRP B 35 -12.99 -0.46 1.97
CA TRP B 35 -14.03 0.55 1.74
C TRP B 35 -13.38 1.88 1.46
N TYR B 36 -13.80 2.53 0.38
CA TYR B 36 -13.31 3.84 -0.02
C TYR B 36 -14.47 4.86 -0.15
N ARG B 37 -14.14 6.14 -0.12
CA ARG B 37 -15.07 7.18 -0.60
C ARG B 37 -14.44 8.01 -1.72
N GLN B 38 -15.26 8.38 -2.71
CA GLN B 38 -14.89 9.25 -3.85
C GLN B 38 -15.58 10.62 -3.77
N ASP B 39 -14.80 11.71 -3.86
CA ASP B 39 -15.28 13.10 -3.76
C ASP B 39 -14.58 13.92 -4.84
N THR B 40 -15.33 14.80 -5.51
CA THR B 40 -14.78 15.66 -6.57
C THR B 40 -13.51 16.38 -6.08
N GLY B 41 -12.50 16.44 -6.95
CA GLY B 41 -11.21 17.05 -6.62
C GLY B 41 -10.25 16.16 -5.81
N HIS B 42 -10.65 14.92 -5.53
CA HIS B 42 -9.76 13.93 -4.91
C HIS B 42 -9.93 12.61 -5.64
N GLY B 43 -8.89 11.78 -5.56
CA GLY B 43 -8.99 10.38 -5.98
C GLY B 43 -9.68 9.63 -4.85
N LEU B 44 -9.94 8.34 -5.05
CA LEU B 44 -10.51 7.50 -3.99
C LEU B 44 -9.60 7.51 -2.76
N ARG B 45 -10.21 7.52 -1.57
CA ARG B 45 -9.46 7.49 -0.31
C ARG B 45 -9.97 6.35 0.57
N LEU B 46 -9.03 5.66 1.21
CA LEU B 46 -9.31 4.48 1.99
C LEU B 46 -9.79 4.86 3.40
N ILE B 47 -10.94 4.29 3.78
CA ILE B 47 -11.59 4.53 5.08
C ILE B 47 -11.24 3.43 6.09
N HIS B 48 -11.61 2.18 5.79
CA HIS B 48 -11.30 1.01 6.60
C HIS B 48 -11.04 -0.16 5.67
N TYR B 49 -10.31 -1.17 6.16
CA TYR B 49 -10.17 -2.45 5.47
C TYR B 49 -10.16 -3.66 6.44
N SER B 50 -10.11 -4.86 5.89
CA SER B 50 -10.15 -6.06 6.72
C SER B 50 -9.43 -7.16 6.05
N TYR B 51 -8.68 -7.93 6.83
CA TYR B 51 -7.94 -9.10 6.35
C TYR B 51 -8.63 -10.45 6.61
N GLY B 52 -9.85 -10.42 7.12
CA GLY B 52 -10.59 -11.65 7.45
C GLY B 52 -11.65 -11.38 8.50
N ALA B 53 -12.53 -12.35 8.69
CA ALA B 53 -13.63 -12.27 9.66
C ALA B 53 -13.10 -11.88 11.02
N GLY B 54 -13.73 -10.87 11.63
CA GLY B 54 -13.42 -10.44 13.00
C GLY B 54 -12.33 -9.39 13.10
N SER B 55 -11.67 -9.10 11.98
CA SER B 55 -10.62 -8.10 11.89
C SER B 55 -11.19 -6.87 11.15
N THR B 56 -10.90 -5.69 11.70
CA THR B 56 -11.08 -4.42 10.98
C THR B 56 -9.86 -3.55 11.25
N GLU B 57 -9.45 -2.76 10.26
CA GLU B 57 -8.29 -1.87 10.40
C GLU B 57 -8.63 -0.47 9.92
N LYS B 58 -8.02 0.53 10.54
CA LYS B 58 -8.18 1.91 10.11
C LYS B 58 -7.41 2.18 8.80
N GLY B 59 -8.06 2.91 7.89
CA GLY B 59 -7.45 3.36 6.64
C GLY B 59 -6.77 4.70 6.82
N ASP B 60 -6.78 5.51 5.77
CA ASP B 60 -6.25 6.88 5.82
C ASP B 60 -7.23 7.87 6.45
N ILE B 61 -8.54 7.71 6.20
CA ILE B 61 -9.57 8.65 6.75
C ILE B 61 -10.69 7.94 7.52
N PRO B 62 -10.32 7.29 8.64
CA PRO B 62 -11.26 6.45 9.37
C PRO B 62 -12.28 7.18 10.21
N ASP B 63 -12.02 8.45 10.54
CA ASP B 63 -12.87 9.21 11.49
C ASP B 63 -14.35 9.33 11.04
N GLY B 64 -15.26 9.08 11.97
CA GLY B 64 -16.70 9.13 11.72
C GLY B 64 -17.29 7.85 11.19
N TYR B 65 -16.48 6.78 11.11
CA TYR B 65 -16.88 5.50 10.51
C TYR B 65 -16.39 4.36 11.38
N LYS B 66 -17.25 3.37 11.60
CA LYS B 66 -16.88 2.09 12.19
C LYS B 66 -17.09 1.02 11.14
N ALA B 67 -16.17 0.07 11.05
CA ALA B 67 -16.29 -1.05 10.12
C ALA B 67 -16.70 -2.30 10.86
N SER B 68 -17.03 -3.35 10.14
CA SER B 68 -17.46 -4.61 10.75
C SER B 68 -17.40 -5.74 9.74
N ARG B 69 -16.69 -6.81 10.12
CA ARG B 69 -16.50 -7.98 9.27
C ARG B 69 -17.02 -9.22 10.02
N PRO B 70 -18.36 -9.43 9.99
CA PRO B 70 -18.99 -10.57 10.66
C PRO B 70 -18.69 -11.94 10.02
N SER B 71 -18.56 -12.00 8.70
CA SER B 71 -18.19 -13.22 7.99
C SER B 71 -17.21 -12.91 6.87
N GLN B 72 -16.68 -13.98 6.25
CA GLN B 72 -15.84 -13.87 5.05
C GLN B 72 -16.53 -13.13 3.91
N GLU B 73 -17.87 -13.28 3.81
CA GLU B 73 -18.69 -12.74 2.71
C GLU B 73 -19.07 -11.24 2.84
N ASN B 74 -19.23 -10.75 4.07
CA ASN B 74 -19.81 -9.44 4.31
C ASN B 74 -18.86 -8.51 5.08
N PHE B 75 -18.76 -7.27 4.59
CA PHE B 75 -18.00 -6.22 5.23
C PHE B 75 -18.89 -5.00 5.22
N SER B 76 -19.16 -4.45 6.40
CA SER B 76 -20.10 -3.35 6.55
C SER B 76 -19.42 -2.10 7.06
N LEU B 77 -19.84 -0.96 6.50
CA LEU B 77 -19.35 0.35 6.91
C LEU B 77 -20.49 1.02 7.62
N ILE B 78 -20.25 1.36 8.89
CA ILE B 78 -21.27 1.89 9.77
C ILE B 78 -20.92 3.34 10.09
N LEU B 79 -21.89 4.23 9.89
CA LEU B 79 -21.80 5.64 10.29
C LEU B 79 -22.81 5.77 11.42
N GLU B 80 -22.32 5.88 12.66
CA GLU B 80 -23.18 5.87 13.85
C GLU B 80 -23.94 7.19 13.98
N LEU B 81 -23.25 8.31 13.78
CA LEU B 81 -23.84 9.65 13.85
C LEU B 81 -23.51 10.42 12.57
N ALA B 82 -24.30 10.17 11.53
CA ALA B 82 -24.03 10.67 10.18
C ALA B 82 -24.01 12.20 10.08
N THR B 83 -23.07 12.75 9.30
CA THR B 83 -22.96 14.21 9.06
C THR B 83 -23.05 14.52 7.57
N PRO B 84 -23.39 15.78 7.21
CA PRO B 84 -23.39 16.22 5.80
C PRO B 84 -22.05 16.03 5.06
N SER B 85 -20.93 16.16 5.77
CA SER B 85 -19.60 15.90 5.20
C SER B 85 -19.35 14.42 4.75
N GLN B 86 -20.26 13.51 5.13
CA GLN B 86 -20.22 12.11 4.68
C GLN B 86 -21.07 11.84 3.42
N THR B 87 -21.73 12.88 2.91
CA THR B 87 -22.27 12.86 1.54
C THR B 87 -21.11 12.55 0.60
N SER B 88 -21.23 11.46 -0.18
CA SER B 88 -20.14 10.95 -1.05
C SER B 88 -20.58 9.73 -1.84
N VAL B 89 -19.71 9.21 -2.69
CA VAL B 89 -19.92 7.90 -3.32
C VAL B 89 -18.97 6.91 -2.64
N TYR B 90 -19.51 5.84 -2.07
CA TYR B 90 -18.70 4.86 -1.33
C TYR B 90 -18.52 3.63 -2.17
N PHE B 91 -17.27 3.22 -2.36
CA PHE B 91 -16.94 2.01 -3.09
C PHE B 91 -16.31 1.01 -2.15
N CYS B 92 -16.68 -0.25 -2.35
CA CYS B 92 -16.19 -1.37 -1.59
C CYS B 92 -15.30 -2.15 -2.55
N ALA B 93 -14.35 -2.93 -2.03
CA ALA B 93 -13.57 -3.83 -2.86
C ALA B 93 -13.09 -5.05 -2.12
N SER B 94 -12.77 -6.10 -2.86
CA SER B 94 -12.19 -7.30 -2.27
C SER B 94 -11.04 -7.81 -3.10
N GLY B 95 -10.21 -8.64 -2.48
CA GLY B 95 -9.17 -9.37 -3.21
C GLY B 95 -8.52 -10.47 -2.39
N ASP B 96 -7.76 -11.32 -3.07
CA ASP B 96 -7.01 -12.39 -2.42
C ASP B 96 -5.60 -11.86 -2.06
N GLU B 97 -4.60 -12.73 -2.01
CA GLU B 97 -3.24 -12.34 -1.67
C GLU B 97 -2.49 -11.49 -2.73
N GLY B 98 -3.02 -11.39 -3.96
CA GLY B 98 -2.43 -10.55 -5.02
C GLY B 98 -2.85 -9.09 -4.91
N TYR B 99 -2.33 -8.24 -5.79
CA TYR B 99 -2.54 -6.78 -5.70
C TYR B 99 -3.86 -6.26 -6.25
N THR B 100 -4.50 -7.02 -7.13
CA THR B 100 -5.79 -6.63 -7.71
C THR B 100 -6.87 -6.54 -6.65
N GLN B 101 -7.57 -5.41 -6.66
CA GLN B 101 -8.73 -5.16 -5.84
C GLN B 101 -9.89 -5.02 -6.81
N TYR B 102 -10.95 -5.80 -6.58
CA TYR B 102 -12.12 -5.86 -7.48
C TYR B 102 -13.20 -5.02 -6.85
N PHE B 103 -13.66 -4.01 -7.58
CA PHE B 103 -14.56 -3.00 -7.01
C PHE B 103 -16.02 -3.32 -7.22
N GLY B 104 -16.82 -2.99 -6.21
CA GLY B 104 -18.27 -2.95 -6.33
C GLY B 104 -18.69 -1.76 -7.16
N PRO B 105 -20.00 -1.63 -7.39
CA PRO B 105 -20.53 -0.63 -8.32
C PRO B 105 -20.77 0.73 -7.69
N GLY B 106 -20.53 0.86 -6.39
CA GLY B 106 -20.65 2.14 -5.71
C GLY B 106 -22.02 2.34 -5.08
N THR B 107 -22.04 3.13 -4.02
CA THR B 107 -23.22 3.50 -3.26
C THR B 107 -23.21 5.01 -3.08
N ARG B 108 -24.28 5.69 -3.47
CA ARG B 108 -24.39 7.13 -3.27
C ARG B 108 -25.13 7.42 -1.99
N LEU B 109 -24.55 8.29 -1.16
CA LEU B 109 -25.15 8.68 0.10
C LEU B 109 -25.29 10.19 0.10
N LEU B 110 -26.49 10.67 0.39
CA LEU B 110 -26.74 12.08 0.68
C LEU B 110 -27.18 12.15 2.13
N VAL B 111 -26.55 13.05 2.88
CA VAL B 111 -26.92 13.28 4.27
C VAL B 111 -27.42 14.72 4.41
N LEU B 112 -28.73 14.87 4.66
CA LEU B 112 -29.37 16.19 4.80
C LEU B 112 -29.44 16.63 6.26
N GLU B 113 -29.66 17.93 6.45
CA GLU B 113 -29.90 18.47 7.79
C GLU B 113 -31.27 18.05 8.29
N ASP B 114 -32.24 18.05 7.38
CA ASP B 114 -33.64 17.82 7.72
C ASP B 114 -34.35 17.08 6.59
N LEU B 115 -35.31 16.23 6.95
CA LEU B 115 -36.12 15.51 5.96
C LEU B 115 -37.43 16.21 5.55
N ARG B 116 -37.64 17.46 5.97
CA ARG B 116 -38.98 18.07 5.87
C ARG B 116 -39.38 18.36 4.41
N ASN B 117 -38.41 18.59 3.53
CA ASN B 117 -38.72 18.91 2.12
C ASN B 117 -38.69 17.70 1.17
N VAL B 118 -38.47 16.49 1.68
CA VAL B 118 -38.32 15.29 0.84
C VAL B 118 -39.67 14.98 0.17
N THR B 119 -39.65 14.76 -1.15
CA THR B 119 -40.87 14.69 -1.97
C THR B 119 -40.66 13.82 -3.23
N PRO B 120 -41.55 12.85 -3.50
CA PRO B 120 -41.38 12.03 -4.69
C PRO B 120 -41.82 12.76 -5.94
N PRO B 121 -41.37 12.29 -7.13
CA PRO B 121 -41.78 12.93 -8.37
C PRO B 121 -43.19 12.56 -8.85
N LYS B 122 -43.78 13.50 -9.62
CA LYS B 122 -44.82 13.21 -10.59
C LYS B 122 -44.09 12.81 -11.85
N VAL B 123 -44.63 11.89 -12.62
CA VAL B 123 -44.03 11.47 -13.86
C VAL B 123 -45.05 11.64 -14.97
N SER B 124 -44.65 12.23 -16.09
CA SER B 124 -45.53 12.35 -17.25
C SER B 124 -44.81 11.90 -18.51
N LEU B 125 -45.55 11.20 -19.38
CA LEU B 125 -45.00 10.70 -20.63
C LEU B 125 -45.63 11.49 -21.76
N PHE B 126 -44.80 12.17 -22.55
CA PHE B 126 -45.27 12.97 -23.66
C PHE B 126 -45.05 12.18 -24.94
N GLU B 127 -46.12 12.02 -25.73
CA GLU B 127 -46.12 11.16 -26.91
C GLU B 127 -45.57 11.87 -28.16
N PRO B 128 -45.03 11.10 -29.13
CA PRO B 128 -44.41 11.65 -30.35
C PRO B 128 -45.31 12.56 -31.17
N SER B 129 -44.69 13.52 -31.86
CA SER B 129 -45.40 14.50 -32.69
C SER B 129 -45.64 13.91 -34.06
N LYS B 130 -46.90 13.97 -34.52
CA LYS B 130 -47.28 13.57 -35.89
C LYS B 130 -46.40 14.24 -36.96
N ALA B 131 -46.06 15.51 -36.74
CA ALA B 131 -45.14 16.27 -37.61
C ALA B 131 -43.75 15.67 -37.68
N GLU B 132 -43.18 15.35 -36.50
CA GLU B 132 -41.88 14.69 -36.39
C GLU B 132 -41.84 13.40 -37.21
N ILE B 133 -42.91 12.61 -37.08
CA ILE B 133 -43.02 11.32 -37.74
C ILE B 133 -42.93 11.47 -39.25
N SER B 134 -43.69 12.41 -39.82
CA SER B 134 -43.71 12.61 -41.28
C SER B 134 -42.52 13.43 -41.80
N HIS B 135 -41.87 14.22 -40.95
CA HIS B 135 -40.63 14.93 -41.33
C HIS B 135 -39.36 14.07 -41.25
N THR B 136 -39.31 13.07 -40.36
CA THR B 136 -38.10 12.23 -40.17
C THR B 136 -38.26 10.70 -40.24
N GLN B 137 -39.49 10.20 -40.26
CA GLN B 137 -39.78 8.77 -40.04
C GLN B 137 -39.23 8.26 -38.68
N LYS B 138 -39.25 9.15 -37.69
CA LYS B 138 -38.79 8.84 -36.34
C LYS B 138 -39.73 9.47 -35.33
N ALA B 139 -39.88 8.79 -34.20
CA ALA B 139 -40.84 9.16 -33.17
C ALA B 139 -40.08 9.32 -31.84
N THR B 140 -40.15 10.52 -31.24
CA THR B 140 -39.41 10.80 -29.99
C THR B 140 -40.42 10.99 -28.88
N LEU B 141 -40.39 10.08 -27.92
CA LEU B 141 -41.12 10.24 -26.66
C LEU B 141 -40.26 11.08 -25.72
N VAL B 142 -40.94 11.79 -24.81
CA VAL B 142 -40.27 12.56 -23.77
C VAL B 142 -40.94 12.23 -22.43
N CYS B 143 -40.09 11.96 -21.44
CA CYS B 143 -40.52 11.71 -20.08
C CYS B 143 -40.16 12.90 -19.22
N LEU B 144 -41.02 13.25 -18.29
CA LEU B 144 -40.80 14.40 -17.43
C LEU B 144 -41.07 14.07 -15.97
N ALA B 145 -40.01 14.04 -15.17
CA ALA B 145 -40.13 13.84 -13.73
C ALA B 145 -40.07 15.23 -13.09
N THR B 146 -41.00 15.54 -12.19
CA THR B 146 -41.12 16.91 -11.66
C THR B 146 -41.50 16.94 -10.18
N GLY B 147 -41.05 17.99 -9.49
CA GLY B 147 -41.51 18.33 -8.15
C GLY B 147 -40.86 17.50 -7.06
N PHE B 148 -39.63 17.04 -7.28
CA PHE B 148 -39.01 16.08 -6.38
C PHE B 148 -37.81 16.65 -5.62
N TYR B 149 -37.59 16.09 -4.44
CA TYR B 149 -36.48 16.48 -3.59
C TYR B 149 -36.16 15.30 -2.67
N PRO B 150 -34.89 14.99 -2.41
CA PRO B 150 -33.71 15.58 -3.06
C PRO B 150 -33.54 15.07 -4.50
N ASP B 151 -32.40 15.35 -5.12
CA ASP B 151 -32.16 15.03 -6.53
C ASP B 151 -31.71 13.60 -6.87
N HIS B 152 -31.97 12.64 -5.97
CA HIS B 152 -31.49 11.26 -6.11
C HIS B 152 -32.57 10.40 -6.78
N VAL B 153 -32.48 10.30 -8.11
CA VAL B 153 -33.43 9.54 -8.91
C VAL B 153 -32.71 8.76 -10.00
N GLU B 154 -33.27 7.62 -10.36
CA GLU B 154 -32.79 6.83 -11.51
C GLU B 154 -33.98 6.74 -12.45
N LEU B 155 -33.84 7.29 -13.65
CA LEU B 155 -34.86 7.28 -14.68
C LEU B 155 -34.53 6.21 -15.72
N SER B 156 -35.49 5.34 -16.06
CA SER B 156 -35.26 4.27 -17.06
C SER B 156 -36.47 4.06 -17.98
N TRP B 157 -36.19 3.59 -19.20
CA TRP B 157 -37.21 3.26 -20.21
C TRP B 157 -37.37 1.75 -20.37
N TRP B 158 -38.64 1.34 -20.50
CA TRP B 158 -39.03 -0.07 -20.62
C TRP B 158 -39.99 -0.24 -21.80
N VAL B 159 -39.66 -1.16 -22.71
CA VAL B 159 -40.52 -1.53 -23.80
C VAL B 159 -40.87 -3.01 -23.63
N ASN B 160 -42.18 -3.30 -23.57
CA ASN B 160 -42.70 -4.65 -23.36
C ASN B 160 -41.99 -5.43 -22.23
N GLY B 161 -41.85 -4.75 -21.08
CA GLY B 161 -41.27 -5.32 -19.87
C GLY B 161 -39.76 -5.45 -19.82
N LYS B 162 -39.06 -4.91 -20.82
CA LYS B 162 -37.61 -5.05 -20.90
C LYS B 162 -36.97 -3.68 -21.08
N GLU B 163 -35.93 -3.41 -20.29
CA GLU B 163 -35.27 -2.10 -20.29
C GLU B 163 -34.56 -1.85 -21.62
N VAL B 164 -34.67 -0.62 -22.12
CA VAL B 164 -33.98 -0.19 -23.37
C VAL B 164 -33.01 0.96 -23.06
N HIS B 165 -31.86 0.92 -23.73
CA HIS B 165 -30.80 1.92 -23.64
C HIS B 165 -30.52 2.57 -24.98
N SER B 166 -30.60 1.81 -26.06
CA SER B 166 -30.51 2.37 -27.40
C SER B 166 -31.58 3.44 -27.61
N GLY B 167 -31.16 4.57 -28.17
CA GLY B 167 -32.04 5.67 -28.49
C GLY B 167 -32.43 6.57 -27.32
N VAL B 168 -31.78 6.41 -26.17
CA VAL B 168 -32.17 7.14 -24.96
C VAL B 168 -31.12 8.20 -24.61
N CYS B 169 -31.58 9.36 -24.17
CA CYS B 169 -30.70 10.25 -23.39
C CYS B 169 -31.49 11.02 -22.36
N THR B 170 -30.89 11.14 -21.18
CA THR B 170 -31.49 11.77 -20.01
C THR B 170 -30.60 12.93 -19.57
N ASP B 171 -31.18 14.06 -19.17
CA ASP B 171 -30.40 15.24 -18.76
C ASP B 171 -29.30 14.81 -17.77
N PRO B 172 -28.05 15.27 -17.98
CA PRO B 172 -27.00 14.83 -17.06
C PRO B 172 -27.24 15.27 -15.61
N GLN B 173 -27.92 16.39 -15.39
CA GLN B 173 -28.34 16.78 -14.04
C GLN B 173 -29.76 17.35 -14.01
N PRO B 174 -30.48 17.19 -12.88
CA PRO B 174 -31.80 17.81 -12.77
C PRO B 174 -31.70 19.31 -12.68
N LEU B 175 -32.72 20.01 -13.16
CA LEU B 175 -32.77 21.46 -13.05
C LEU B 175 -33.70 21.91 -11.92
N LYS B 176 -33.36 23.03 -11.28
CA LYS B 176 -34.12 23.56 -10.15
C LYS B 176 -35.39 24.28 -10.59
N GLU B 177 -36.50 23.97 -9.93
CA GLU B 177 -37.81 24.54 -10.30
C GLU B 177 -37.98 25.98 -9.80
N GLN B 178 -37.41 26.28 -8.64
CA GLN B 178 -37.42 27.61 -8.02
C GLN B 178 -35.98 27.98 -7.59
N PRO B 179 -35.10 28.36 -8.54
CA PRO B 179 -33.67 28.61 -8.21
C PRO B 179 -33.42 29.63 -7.08
N ALA B 180 -34.30 30.62 -6.94
CA ALA B 180 -34.22 31.59 -5.83
C ALA B 180 -34.40 30.96 -4.43
N LEU B 181 -35.23 29.91 -4.32
CA LEU B 181 -35.56 29.28 -3.02
C LEU B 181 -34.45 28.35 -2.48
N ASN B 182 -34.56 28.03 -1.19
CA ASN B 182 -33.50 27.35 -0.44
C ASN B 182 -33.40 25.85 -0.80
N ASP B 183 -34.51 25.15 -0.61
CA ASP B 183 -34.60 23.70 -0.88
C ASP B 183 -35.48 23.44 -2.11
N SER B 184 -35.12 24.09 -3.21
CA SER B 184 -35.88 23.99 -4.46
C SER B 184 -36.08 22.54 -4.87
N ARG B 185 -37.32 22.22 -5.24
CA ARG B 185 -37.61 20.96 -5.91
C ARG B 185 -36.92 20.92 -7.29
N TYR B 186 -36.81 19.70 -7.83
CA TYR B 186 -36.12 19.46 -9.09
C TYR B 186 -37.05 18.96 -10.19
N SER B 187 -36.62 19.18 -11.42
CA SER B 187 -37.20 18.55 -12.58
C SER B 187 -36.09 17.87 -13.38
N LEU B 188 -36.48 16.84 -14.12
CA LEU B 188 -35.55 16.05 -14.94
C LEU B 188 -36.29 15.56 -16.14
N SER B 189 -35.68 15.68 -17.31
CA SER B 189 -36.31 15.22 -18.54
C SER B 189 -35.49 14.11 -19.19
N SER B 190 -36.15 13.35 -20.06
CA SER B 190 -35.48 12.29 -20.82
C SER B 190 -36.21 12.05 -22.10
N ARG B 191 -35.49 11.50 -23.08
CA ARG B 191 -36.03 11.23 -24.41
C ARG B 191 -35.75 9.77 -24.80
N LEU B 192 -36.72 9.16 -25.50
CA LEU B 192 -36.55 7.87 -26.16
C LEU B 192 -37.04 8.03 -27.58
N ARG B 193 -36.14 7.84 -28.54
CA ARG B 193 -36.43 7.96 -29.94
C ARG B 193 -36.40 6.59 -30.61
N VAL B 194 -37.47 6.28 -31.32
CA VAL B 194 -37.65 5.01 -32.01
C VAL B 194 -38.12 5.32 -33.43
N SER B 195 -38.08 4.32 -34.31
CA SER B 195 -38.61 4.50 -35.67
C SER B 195 -40.11 4.65 -35.64
N ALA B 196 -40.65 5.36 -36.62
CA ALA B 196 -42.10 5.57 -36.70
C ALA B 196 -42.89 4.25 -36.72
N THR B 197 -42.42 3.25 -37.47
CA THR B 197 -43.15 1.97 -37.55
C THR B 197 -43.23 1.27 -36.20
N PHE B 198 -42.16 1.36 -35.42
CA PHE B 198 -42.14 0.79 -34.06
C PHE B 198 -43.12 1.48 -33.10
N TRP B 199 -43.14 2.82 -33.11
CA TRP B 199 -44.15 3.58 -32.37
C TRP B 199 -45.56 3.35 -32.87
N GLN B 200 -45.71 3.18 -34.19
CA GLN B 200 -47.04 2.96 -34.80
C GLN B 200 -47.69 1.60 -34.49
N ASN B 201 -46.88 0.63 -34.07
CA ASN B 201 -47.36 -0.72 -33.71
C ASN B 201 -48.07 -0.70 -32.35
N PRO B 202 -49.38 -1.00 -32.32
CA PRO B 202 -50.14 -0.91 -31.05
C PRO B 202 -49.99 -2.06 -30.05
N ARG B 203 -49.16 -3.05 -30.37
CA ARG B 203 -48.81 -4.08 -29.39
C ARG B 203 -47.51 -3.76 -28.62
N ASN B 204 -46.79 -2.69 -28.97
CA ASN B 204 -45.64 -2.18 -28.19
C ASN B 204 -46.07 -1.27 -27.04
N HIS B 205 -45.62 -1.59 -25.83
CA HIS B 205 -46.02 -0.87 -24.63
C HIS B 205 -44.81 -0.12 -24.07
N PHE B 206 -44.92 1.21 -24.00
CA PHE B 206 -43.81 2.07 -23.59
C PHE B 206 -43.98 2.58 -22.17
N ARG B 207 -42.90 2.59 -21.40
CA ARG B 207 -42.98 3.02 -20.02
C ARG B 207 -41.72 3.72 -19.53
N CYS B 208 -41.93 4.92 -19.00
CA CYS B 208 -40.91 5.69 -18.30
C CYS B 208 -41.03 5.47 -16.80
N GLN B 209 -39.95 5.06 -16.16
CA GLN B 209 -39.94 4.71 -14.73
C GLN B 209 -38.90 5.55 -14.02
N VAL B 210 -39.30 6.20 -12.92
CA VAL B 210 -38.37 6.90 -12.05
C VAL B 210 -38.28 6.21 -10.68
N GLN B 211 -37.09 5.74 -10.33
CA GLN B 211 -36.83 5.14 -9.03
C GLN B 211 -36.40 6.28 -8.14
N PHE B 212 -37.18 6.56 -7.10
CA PHE B 212 -36.92 7.69 -6.22
C PHE B 212 -36.42 7.14 -4.90
N TYR B 213 -35.42 7.80 -4.33
CA TYR B 213 -34.87 7.43 -3.03
C TYR B 213 -35.23 8.52 -2.04
N GLY B 214 -35.83 8.12 -0.93
CA GLY B 214 -36.26 9.04 0.10
C GLY B 214 -36.25 8.34 1.45
N LEU B 215 -37.33 8.48 2.20
CA LEU B 215 -37.41 7.91 3.55
C LEU B 215 -37.59 6.40 3.50
N SER B 216 -37.17 5.74 4.58
CA SER B 216 -37.46 4.33 4.80
C SER B 216 -38.67 4.21 5.74
N GLU B 217 -39.16 2.99 5.93
CA GLU B 217 -40.32 2.73 6.82
C GLU B 217 -40.06 3.12 8.29
N ASN B 218 -38.79 3.21 8.68
CA ASN B 218 -38.38 3.56 10.06
C ASN B 218 -38.21 5.05 10.36
N ASP B 219 -38.09 5.89 9.33
CA ASP B 219 -37.90 7.32 9.53
C ASP B 219 -39.17 7.99 10.12
N GLU B 220 -38.99 8.95 11.02
CA GLU B 220 -40.12 9.67 11.64
C GLU B 220 -40.81 10.52 10.59
N TRP B 221 -42.14 10.57 10.63
CA TRP B 221 -42.90 11.45 9.75
C TRP B 221 -44.00 12.20 10.48
N THR B 222 -43.86 13.52 10.54
CA THR B 222 -44.75 14.40 11.29
C THR B 222 -45.86 15.04 10.44
N GLN B 223 -45.57 15.32 9.16
CA GLN B 223 -46.45 16.14 8.31
C GLN B 223 -47.73 15.42 7.87
N ASP B 224 -48.66 16.20 7.30
CA ASP B 224 -49.98 15.70 6.91
C ASP B 224 -50.00 14.95 5.57
N ARG B 225 -49.06 15.25 4.68
CA ARG B 225 -48.97 14.55 3.37
C ARG B 225 -48.41 13.13 3.51
N ALA B 226 -48.57 12.34 2.46
CA ALA B 226 -48.08 10.96 2.43
C ALA B 226 -46.58 10.89 2.58
N LYS B 227 -46.11 9.86 3.28
CA LYS B 227 -44.71 9.73 3.66
C LYS B 227 -43.84 9.52 2.41
N PRO B 228 -42.90 10.46 2.11
CA PRO B 228 -42.13 10.43 0.87
C PRO B 228 -41.04 9.35 0.89
N VAL B 229 -41.50 8.10 0.85
CA VAL B 229 -40.65 6.91 0.95
C VAL B 229 -39.99 6.59 -0.39
N THR B 230 -38.94 5.79 -0.31
CA THR B 230 -38.31 5.20 -1.50
C THR B 230 -39.41 4.49 -2.27
N GLN B 231 -39.60 4.86 -3.53
CA GLN B 231 -40.66 4.31 -4.36
C GLN B 231 -40.36 4.50 -5.83
N ILE B 232 -41.12 3.79 -6.64
CA ILE B 232 -41.10 3.91 -8.09
C ILE B 232 -42.36 4.63 -8.51
N VAL B 233 -42.20 5.63 -9.36
CA VAL B 233 -43.32 6.28 -10.03
C VAL B 233 -43.03 6.14 -11.51
N SER B 234 -44.07 5.82 -12.30
CA SER B 234 -43.89 5.60 -13.72
C SER B 234 -45.07 6.09 -14.54
N ALA B 235 -44.85 6.31 -15.83
CA ALA B 235 -45.91 6.67 -16.76
C ALA B 235 -45.74 5.89 -18.07
N GLU B 236 -46.84 5.73 -18.77
CA GLU B 236 -47.07 4.59 -19.64
C GLU B 236 -47.89 5.01 -20.84
N ALA B 237 -47.65 4.35 -21.98
CA ALA B 237 -48.48 4.55 -23.19
C ALA B 237 -48.25 3.41 -24.18
N TRP B 238 -49.29 3.11 -24.96
CA TRP B 238 -49.21 2.12 -26.03
C TRP B 238 -48.94 2.81 -27.37
N GLY B 239 -48.35 2.07 -28.30
CA GLY B 239 -48.22 2.53 -29.69
C GLY B 239 -49.57 2.66 -30.37
N ARG B 240 -49.60 3.41 -31.48
CA ARG B 240 -50.84 3.68 -32.26
C ARG B 240 -50.53 4.18 -33.67
N ALA B 241 -51.33 3.77 -34.65
CA ALA B 241 -51.10 4.10 -36.06
C ALA B 241 -51.48 5.54 -36.45
N ASN C 7 38.77 -19.21 2.10
CA ASN C 7 37.36 -19.72 2.15
C ASN C 7 36.48 -18.89 3.13
N TYR C 8 35.88 -17.80 2.63
CA TYR C 8 35.28 -16.74 3.47
C TYR C 8 33.77 -16.64 3.33
N THR C 9 33.10 -16.33 4.45
CA THR C 9 31.66 -16.12 4.46
C THR C 9 31.29 -14.64 4.67
N PHE C 10 30.45 -14.14 3.77
CA PHE C 10 29.91 -12.78 3.81
C PHE C 10 28.52 -12.86 4.44
N ARG C 11 28.32 -12.19 5.57
CA ARG C 11 27.04 -12.18 6.30
C ARG C 11 26.47 -10.77 6.43
N CYS C 12 25.22 -10.58 6.00
CA CYS C 12 24.48 -9.38 6.31
C CYS C 12 23.52 -9.74 7.43
N LEU C 13 23.72 -9.17 8.61
CA LEU C 13 22.91 -9.51 9.75
C LEU C 13 21.97 -8.36 10.08
N GLN C 14 20.65 -8.59 9.95
CA GLN C 14 19.61 -7.59 10.26
C GLN C 14 18.80 -7.99 11.49
N MET C 15 18.57 -7.01 12.38
CA MET C 15 17.76 -7.18 13.60
C MET C 15 16.70 -6.10 13.58
N SER C 16 15.46 -6.52 13.77
CA SER C 16 14.35 -5.60 13.77
C SER C 16 13.50 -5.84 15.00
N SER C 17 13.22 -4.78 15.75
CA SER C 17 12.30 -4.84 16.89
C SER C 17 11.05 -4.04 16.59
N PHE C 18 9.88 -4.67 16.76
CA PHE C 18 8.61 -3.99 16.67
C PHE C 18 7.97 -4.10 18.05
N ALA C 19 8.02 -3.02 18.84
CA ALA C 19 7.60 -3.04 20.25
C ALA C 19 6.08 -2.98 20.39
N ASN C 20 5.47 -2.11 19.59
CA ASN C 20 4.01 -1.99 19.50
C ASN C 20 3.69 -1.52 18.07
N ARG C 21 2.43 -1.24 17.75
CA ARG C 21 2.05 -0.91 16.36
C ARG C 21 2.69 0.36 15.75
N SER C 22 3.22 1.25 16.59
CA SER C 22 3.76 2.54 16.15
C SER C 22 5.26 2.79 16.44
N TRP C 23 6.01 1.76 16.86
CA TRP C 23 7.45 1.90 17.18
C TRP C 23 8.23 0.71 16.65
N SER C 24 9.30 0.99 15.91
CA SER C 24 10.23 -0.06 15.49
C SER C 24 11.58 0.47 15.08
N ARG C 25 12.58 -0.39 15.14
CA ARG C 25 13.88 -0.05 14.62
C ARG C 25 14.45 -1.25 13.90
N THR C 26 15.32 -0.96 12.93
CA THR C 26 16.00 -1.93 12.11
C THR C 26 17.46 -1.49 11.98
N ASP C 27 18.37 -2.42 12.31
CA ASP C 27 19.80 -2.17 12.44
C ASP C 27 20.52 -3.32 11.77
N SER C 28 21.59 -3.04 11.03
CA SER C 28 22.33 -4.07 10.32
C SER C 28 23.83 -3.90 10.50
N VAL C 29 24.54 -5.02 10.58
CA VAL C 29 25.98 -5.02 10.44
C VAL C 29 26.35 -6.10 9.43
N VAL C 30 27.47 -5.90 8.74
CA VAL C 30 27.90 -6.80 7.69
C VAL C 30 29.31 -7.25 7.99
N TRP C 31 29.55 -8.56 7.86
CA TRP C 31 30.81 -9.22 8.15
C TRP C 31 31.38 -9.98 6.94
N LEU C 32 32.70 -9.90 6.76
CA LEU C 32 33.41 -10.72 5.81
C LEU C 32 34.42 -11.52 6.62
N GLY C 33 34.14 -12.82 6.77
CA GLY C 33 34.83 -13.64 7.77
C GLY C 33 34.45 -13.08 9.12
N ASP C 34 35.46 -12.64 9.87
CA ASP C 34 35.27 -12.01 11.20
C ASP C 34 35.68 -10.51 11.24
N LEU C 35 35.69 -9.84 10.08
CA LEU C 35 35.89 -8.40 9.98
C LEU C 35 34.61 -7.64 9.58
N GLN C 36 34.23 -6.60 10.33
CA GLN C 36 33.06 -5.81 10.00
C GLN C 36 33.35 -4.90 8.80
N THR C 37 32.52 -5.00 7.76
CA THR C 37 32.64 -4.15 6.56
C THR C 37 31.60 -3.03 6.46
N HIS C 38 30.41 -3.23 7.03
CA HIS C 38 29.35 -2.21 6.97
C HIS C 38 28.54 -2.14 8.25
N ARG C 39 27.95 -0.98 8.49
CA ARG C 39 27.04 -0.74 9.60
C ARG C 39 25.86 -0.01 8.97
N TRP C 40 24.65 -0.30 9.44
CA TRP C 40 23.48 0.53 9.08
C TRP C 40 22.53 0.70 10.27
N SER C 41 22.78 1.79 10.99
CA SER C 41 21.96 2.21 12.11
C SER C 41 20.60 2.68 11.59
N ASN C 42 19.53 2.39 12.34
CA ASN C 42 18.18 2.95 12.09
C ASN C 42 18.18 4.50 11.98
N ASP C 43 19.08 5.15 12.70
CA ASP C 43 19.16 6.63 12.72
C ASP C 43 19.76 7.23 11.45
N SER C 44 20.36 6.41 10.58
CA SER C 44 21.05 6.87 9.38
C SER C 44 20.30 6.56 8.10
N ALA C 45 20.18 7.56 7.24
CA ALA C 45 19.60 7.37 5.90
C ALA C 45 20.44 6.47 5.00
N THR C 46 21.76 6.41 5.26
CA THR C 46 22.71 5.72 4.39
C THR C 46 23.48 4.63 5.15
N ILE C 47 24.04 3.70 4.40
CA ILE C 47 24.84 2.61 4.93
C ILE C 47 26.26 3.13 5.11
N SER C 48 26.89 2.78 6.22
CA SER C 48 28.23 3.24 6.54
C SER C 48 29.30 2.18 6.23
N PHE C 49 30.37 2.63 5.58
CA PHE C 49 31.59 1.85 5.41
C PHE C 49 32.36 1.90 6.73
N THR C 50 32.82 0.74 7.22
CA THR C 50 33.68 0.66 8.40
C THR C 50 35.14 0.32 8.06
N LYS C 51 35.42 0.11 6.78
CA LYS C 51 36.77 -0.10 6.27
C LYS C 51 36.93 0.77 5.03
N PRO C 52 38.16 1.13 4.68
CA PRO C 52 38.35 1.86 3.39
C PRO C 52 37.83 1.11 2.14
N TRP C 53 37.96 -0.22 2.14
CA TRP C 53 37.62 -1.07 0.99
C TRP C 53 36.15 -1.58 0.95
N SER C 54 35.30 -1.19 1.88
CA SER C 54 33.93 -1.74 1.97
C SER C 54 33.05 -1.56 0.70
N GLN C 55 33.42 -0.63 -0.19
CA GLN C 55 32.73 -0.48 -1.48
C GLN C 55 33.16 -1.54 -2.48
N GLY C 56 34.24 -2.26 -2.19
CA GLY C 56 34.67 -3.35 -3.06
C GLY C 56 35.17 -2.78 -4.36
N LYS C 57 34.79 -3.42 -5.46
CA LYS C 57 35.12 -2.96 -6.81
C LYS C 57 33.88 -2.37 -7.52
N LEU C 58 32.86 -1.96 -6.75
CA LEU C 58 31.70 -1.29 -7.34
C LEU C 58 32.03 0.21 -7.52
N SER C 59 31.65 0.76 -8.66
CA SER C 59 31.76 2.22 -8.89
C SER C 59 30.79 2.99 -8.03
N ASN C 60 31.02 4.29 -7.93
CA ASN C 60 30.17 5.17 -7.13
C ASN C 60 28.71 5.14 -7.59
N GLN C 61 28.46 5.01 -8.89
CA GLN C 61 27.09 4.93 -9.41
C GLN C 61 26.42 3.58 -9.09
N GLN C 62 27.15 2.46 -9.25
CA GLN C 62 26.65 1.12 -8.89
C GLN C 62 26.29 1.00 -7.39
N TRP C 63 27.18 1.52 -6.55
CA TRP C 63 26.92 1.58 -5.12
C TRP C 63 25.67 2.39 -4.75
N GLU C 64 25.52 3.57 -5.37
CA GLU C 64 24.30 4.40 -5.17
C GLU C 64 23.01 3.64 -5.46
N LYS C 65 23.00 2.92 -6.58
CA LYS C 65 21.83 2.15 -7.01
C LYS C 65 21.55 1.01 -6.04
N LEU C 66 22.62 0.41 -5.52
CA LEU C 66 22.47 -0.67 -4.56
C LEU C 66 21.99 -0.13 -3.21
N GLN C 67 22.65 0.93 -2.74
CA GLN C 67 22.16 1.60 -1.52
C GLN C 67 20.70 2.00 -1.64
N HIS C 68 20.32 2.58 -2.79
CA HIS C 68 18.93 3.02 -3.00
C HIS C 68 17.89 1.88 -2.91
N MET C 69 18.25 0.71 -3.45
CA MET C 69 17.42 -0.49 -3.37
C MET C 69 17.22 -0.89 -1.90
N PHE C 70 18.30 -0.84 -1.12
CA PHE C 70 18.20 -1.11 0.32
C PHE C 70 17.39 -0.06 1.08
N GLN C 71 17.55 1.22 0.73
CA GLN C 71 16.74 2.28 1.35
C GLN C 71 15.24 2.05 1.17
N VAL C 72 14.83 1.63 -0.03
CA VAL C 72 13.43 1.28 -0.31
C VAL C 72 13.03 0.01 0.45
N TYR C 73 13.93 -0.97 0.51
CA TYR C 73 13.67 -2.20 1.26
C TYR C 73 13.35 -1.94 2.75
N ARG C 74 14.14 -1.09 3.38
CA ARG C 74 14.00 -0.87 4.81
C ARG C 74 12.65 -0.28 5.22
N VAL C 75 12.22 0.78 4.51
CA VAL C 75 10.90 1.40 4.72
C VAL C 75 9.76 0.40 4.42
N SER C 76 9.95 -0.38 3.37
CA SER C 76 8.97 -1.34 2.93
C SER C 76 8.85 -2.54 3.86
N PHE C 77 9.99 -3.12 4.25
CA PHE C 77 10.00 -4.19 5.26
C PHE C 77 9.20 -3.79 6.50
N THR C 78 9.44 -2.57 6.97
CA THR C 78 8.83 -2.07 8.19
C THR C 78 7.32 -2.04 8.07
N ARG C 79 6.80 -1.53 6.95
CA ARG C 79 5.35 -1.48 6.76
C ARG C 79 4.74 -2.87 6.52
N ASP C 80 5.45 -3.71 5.80
CA ASP C 80 5.00 -5.08 5.54
C ASP C 80 4.83 -5.94 6.81
N ILE C 81 5.81 -5.91 7.70
CA ILE C 81 5.69 -6.62 8.96
C ILE C 81 4.45 -6.13 9.70
N GLN C 82 4.33 -4.80 9.83
CA GLN C 82 3.20 -4.17 10.54
C GLN C 82 1.84 -4.65 10.00
N GLU C 83 1.77 -4.80 8.67
CA GLU C 83 0.57 -5.27 8.00
C GLU C 83 0.35 -6.77 8.15
N LEU C 84 1.41 -7.56 8.08
CA LEU C 84 1.31 -9.02 8.33
C LEU C 84 0.85 -9.32 9.76
N VAL C 85 1.25 -8.49 10.72
CA VAL C 85 0.80 -8.63 12.11
C VAL C 85 -0.72 -8.46 12.20
N LYS C 86 -1.23 -7.42 11.53
CA LYS C 86 -2.66 -7.15 11.45
C LYS C 86 -3.44 -8.30 10.79
N MET C 87 -2.83 -8.89 9.77
CA MET C 87 -3.42 -10.02 9.06
C MET C 87 -3.58 -11.28 9.94
N MET C 88 -2.64 -11.56 10.83
CA MET C 88 -2.69 -12.78 11.65
C MET C 88 -3.39 -12.59 12.99
N SER C 89 -3.41 -11.36 13.50
CA SER C 89 -4.20 -10.96 14.69
C SER C 89 -5.53 -11.74 14.90
N PRO C 90 -5.82 -12.24 16.12
CA PRO C 90 -5.02 -12.10 17.36
C PRO C 90 -3.97 -13.20 17.60
N LYS C 91 -3.85 -14.15 16.66
CA LYS C 91 -2.86 -15.24 16.69
C LYS C 91 -1.49 -14.81 17.23
N GLU C 92 -0.90 -13.78 16.64
CA GLU C 92 0.44 -13.31 17.00
C GLU C 92 0.42 -11.80 17.21
N ASP C 93 1.29 -11.33 18.09
CA ASP C 93 1.20 -9.98 18.64
C ASP C 93 2.59 -9.41 19.06
N TYR C 94 2.65 -8.09 19.21
CA TYR C 94 3.86 -7.40 19.66
C TYR C 94 4.16 -7.77 21.13
N PRO C 95 5.41 -7.70 21.62
CA PRO C 95 6.62 -7.33 20.84
C PRO C 95 7.10 -8.44 19.89
N ILE C 96 7.73 -8.03 18.79
CA ILE C 96 8.22 -8.96 17.78
C ILE C 96 9.67 -8.62 17.45
N GLU C 97 10.47 -9.68 17.39
CA GLU C 97 11.84 -9.58 16.94
C GLU C 97 11.97 -10.39 15.65
N ILE C 98 12.45 -9.75 14.60
CA ILE C 98 12.75 -10.42 13.33
C ILE C 98 14.25 -10.25 13.07
N GLN C 99 14.90 -11.36 12.72
CA GLN C 99 16.31 -11.39 12.38
C GLN C 99 16.46 -11.98 10.98
N LEU C 100 17.34 -11.38 10.18
CA LEU C 100 17.70 -11.92 8.87
C LEU C 100 19.18 -12.16 8.84
N SER C 101 19.55 -13.33 8.34
CA SER C 101 20.93 -13.65 8.06
C SER C 101 20.99 -13.98 6.56
N ALA C 102 21.78 -13.23 5.81
CA ALA C 102 21.86 -13.40 4.37
C ALA C 102 23.25 -13.15 3.85
N GLY C 103 23.55 -13.76 2.70
CA GLY C 103 24.79 -13.51 2.01
C GLY C 103 25.20 -14.74 1.25
N CYS C 104 26.50 -14.88 1.08
CA CYS C 104 27.06 -15.95 0.28
C CYS C 104 28.38 -16.44 0.89
N GLU C 105 28.64 -17.73 0.73
CA GLU C 105 29.89 -18.36 1.16
C GLU C 105 30.71 -18.60 -0.11
N MET C 106 31.93 -18.06 -0.16
CA MET C 106 32.76 -18.13 -1.38
C MET C 106 33.70 -19.33 -1.33
N TYR C 107 33.79 -20.03 -2.47
CA TYR C 107 34.64 -21.21 -2.64
C TYR C 107 35.66 -20.92 -3.76
N PRO C 108 36.66 -21.80 -3.96
CA PRO C 108 37.54 -21.67 -5.15
C PRO C 108 36.81 -21.90 -6.49
N GLY C 109 37.43 -21.43 -7.57
CA GLY C 109 36.77 -21.35 -8.86
C GLY C 109 35.76 -20.21 -8.82
N ASN C 110 34.61 -20.42 -9.44
CA ASN C 110 33.48 -19.47 -9.40
C ASN C 110 32.30 -20.07 -8.63
N ALA C 111 32.60 -20.84 -7.58
CA ALA C 111 31.58 -21.53 -6.80
C ALA C 111 31.14 -20.67 -5.61
N SER C 112 29.84 -20.71 -5.31
CA SER C 112 29.31 -20.13 -4.09
C SER C 112 27.93 -20.69 -3.80
N GLU C 113 27.54 -20.63 -2.53
CA GLU C 113 26.18 -20.89 -2.05
C GLU C 113 25.70 -19.61 -1.40
N SER C 114 24.51 -19.16 -1.78
CA SER C 114 23.89 -18.00 -1.17
C SER C 114 22.76 -18.47 -0.26
N PHE C 115 22.46 -17.67 0.75
CA PHE C 115 21.43 -18.00 1.73
C PHE C 115 20.72 -16.75 2.21
N LEU C 116 19.47 -16.93 2.58
CA LEU C 116 18.66 -15.91 3.21
C LEU C 116 17.77 -16.63 4.21
N HIS C 117 18.13 -16.51 5.48
CA HIS C 117 17.47 -17.21 6.54
C HIS C 117 16.79 -16.18 7.41
N VAL C 118 15.56 -16.49 7.82
CA VAL C 118 14.75 -15.57 8.62
C VAL C 118 14.35 -16.21 9.94
N ALA C 119 14.41 -15.44 11.02
CA ALA C 119 14.05 -15.93 12.34
C ALA C 119 13.03 -15.01 12.99
N PHE C 120 12.15 -15.62 13.78
CA PHE C 120 11.01 -14.94 14.40
C PHE C 120 10.99 -15.33 15.87
N GLN C 121 11.08 -14.36 16.77
CA GLN C 121 11.24 -14.62 18.21
C GLN C 121 12.38 -15.64 18.53
N GLY C 122 13.49 -15.56 17.80
CA GLY C 122 14.72 -16.32 18.10
C GLY C 122 14.81 -17.69 17.44
N LYS C 123 13.78 -18.07 16.68
CA LYS C 123 13.67 -19.37 16.07
C LYS C 123 13.72 -19.19 14.57
N TYR C 124 14.55 -20.01 13.93
CA TYR C 124 14.64 -20.03 12.47
C TYR C 124 13.39 -20.73 11.92
N VAL C 125 12.60 -19.99 11.15
CA VAL C 125 11.29 -20.42 10.63
C VAL C 125 11.08 -20.31 9.11
N VAL C 126 11.88 -19.48 8.41
CA VAL C 126 11.66 -19.15 6.99
C VAL C 126 12.99 -18.92 6.25
N ARG C 127 13.01 -19.33 4.97
CA ARG C 127 14.12 -19.01 4.07
C ARG C 127 13.64 -18.65 2.68
N PHE C 128 14.49 -17.99 1.91
CA PHE C 128 14.30 -17.90 0.46
C PHE C 128 15.06 -19.06 -0.14
N TRP C 129 14.40 -19.82 -1.01
CA TRP C 129 14.97 -20.99 -1.64
C TRP C 129 14.45 -21.12 -3.05
N GLY C 130 15.37 -21.10 -4.01
CA GLY C 130 15.04 -21.22 -5.42
C GLY C 130 14.44 -19.95 -5.95
N THR C 131 13.11 -19.90 -5.96
CA THR C 131 12.36 -18.74 -6.48
C THR C 131 11.25 -18.26 -5.54
N SER C 132 11.25 -18.73 -4.29
CA SER C 132 10.13 -18.47 -3.38
C SER C 132 10.52 -18.50 -1.90
N TRP C 133 9.68 -17.89 -1.09
CA TRP C 133 9.78 -18.02 0.35
C TRP C 133 9.20 -19.37 0.74
N GLN C 134 9.87 -20.07 1.63
CA GLN C 134 9.34 -21.30 2.19
C GLN C 134 9.64 -21.41 3.68
N THR C 135 8.76 -22.09 4.41
CA THR C 135 8.97 -22.42 5.82
C THR C 135 9.90 -23.61 5.94
N VAL C 136 10.52 -23.78 7.10
CA VAL C 136 11.44 -24.90 7.35
C VAL C 136 10.86 -25.83 8.41
N PRO C 137 11.46 -27.02 8.60
CA PRO C 137 10.93 -27.96 9.60
C PRO C 137 10.87 -27.39 11.02
N GLY C 138 9.74 -27.64 11.69
CA GLY C 138 9.45 -27.09 13.02
C GLY C 138 8.70 -25.76 13.04
N ALA C 139 8.41 -25.19 11.87
CA ALA C 139 7.76 -23.88 11.79
C ALA C 139 6.29 -24.02 12.07
N PRO C 140 5.68 -23.04 12.73
CA PRO C 140 4.25 -23.18 12.98
C PRO C 140 3.43 -22.97 11.71
N SER C 141 2.27 -23.62 11.65
CA SER C 141 1.47 -23.69 10.44
C SER C 141 0.85 -22.35 10.01
N TRP C 142 0.64 -21.44 10.96
CA TRP C 142 0.03 -20.14 10.67
C TRP C 142 0.85 -19.30 9.69
N LEU C 143 2.18 -19.47 9.69
CA LEU C 143 3.09 -18.83 8.72
C LEU C 143 2.81 -19.11 7.24
N ASP C 144 2.06 -20.17 6.93
CA ASP C 144 1.67 -20.45 5.55
C ASP C 144 0.91 -19.31 4.88
N LEU C 145 0.10 -18.53 5.62
CA LEU C 145 -0.57 -17.37 5.02
C LEU C 145 0.38 -16.20 4.66
N PRO C 146 1.26 -15.77 5.59
CA PRO C 146 2.34 -14.81 5.24
C PRO C 146 3.25 -15.23 4.09
N ILE C 147 3.69 -16.48 4.09
CA ILE C 147 4.42 -17.07 2.96
C ILE C 147 3.64 -16.95 1.65
N LYS C 148 2.37 -17.31 1.66
CA LYS C 148 1.53 -17.21 0.47
C LYS C 148 1.45 -15.75 -0.06
N VAL C 149 1.42 -14.77 0.85
CA VAL C 149 1.31 -13.36 0.49
C VAL C 149 2.62 -12.83 -0.07
N LEU C 150 3.72 -13.15 0.60
CA LEU C 150 5.03 -12.74 0.14
C LEU C 150 5.38 -13.37 -1.21
N ASN C 151 4.93 -14.62 -1.41
CA ASN C 151 5.16 -15.30 -2.69
C ASN C 151 4.29 -14.75 -3.81
N ALA C 152 3.18 -14.11 -3.48
CA ALA C 152 2.40 -13.35 -4.49
C ALA C 152 3.21 -12.24 -5.19
N ASP C 153 4.13 -11.61 -4.46
CA ASP C 153 4.97 -10.52 -4.98
C ASP C 153 6.10 -10.97 -5.93
N GLN C 154 5.83 -10.89 -7.22
CA GLN C 154 6.75 -11.35 -8.26
C GLN C 154 7.96 -10.42 -8.42
N GLY C 155 7.74 -9.10 -8.33
CA GLY C 155 8.81 -8.10 -8.39
C GLY C 155 9.88 -8.26 -7.32
N THR C 156 9.45 -8.56 -6.10
CA THR C 156 10.38 -8.86 -4.99
C THR C 156 11.12 -10.18 -5.23
N SER C 157 10.40 -11.20 -5.69
CA SER C 157 11.04 -12.48 -5.99
C SER C 157 12.18 -12.36 -7.00
N ALA C 158 11.97 -11.61 -8.08
CA ALA C 158 13.00 -11.46 -9.12
C ALA C 158 14.22 -10.70 -8.60
N THR C 159 13.98 -9.61 -7.85
CA THR C 159 15.04 -8.82 -7.20
C THR C 159 15.88 -9.66 -6.23
N VAL C 160 15.20 -10.41 -5.36
CA VAL C 160 15.88 -11.26 -4.38
C VAL C 160 16.72 -12.34 -5.06
N GLN C 161 16.13 -13.05 -6.03
CA GLN C 161 16.87 -14.05 -6.81
C GLN C 161 18.16 -13.47 -7.40
N MET C 162 18.06 -12.27 -7.98
CA MET C 162 19.21 -11.57 -8.55
C MET C 162 20.24 -11.18 -7.49
N LEU C 163 19.76 -10.76 -6.32
CA LEU C 163 20.66 -10.44 -5.22
C LEU C 163 21.41 -11.67 -4.74
N LEU C 164 20.69 -12.77 -4.60
CA LEU C 164 21.25 -14.02 -4.15
C LEU C 164 22.15 -14.69 -5.19
N ASN C 165 21.69 -14.82 -6.42
CA ASN C 165 22.43 -15.59 -7.45
C ASN C 165 23.61 -14.79 -8.05
N ASP C 166 23.44 -13.48 -8.21
CA ASP C 166 24.40 -12.67 -8.99
C ASP C 166 25.11 -11.58 -8.18
N THR C 167 24.35 -10.67 -7.58
CA THR C 167 24.95 -9.51 -6.92
C THR C 167 25.86 -9.86 -5.74
N CYS C 168 25.45 -10.81 -4.91
CA CYS C 168 26.27 -11.18 -3.74
C CYS C 168 27.63 -11.73 -4.17
N PRO C 169 27.67 -12.80 -4.99
CA PRO C 169 29.01 -13.31 -5.33
C PRO C 169 29.89 -12.31 -6.07
N LEU C 170 29.33 -11.60 -7.02
CA LEU C 170 30.09 -10.56 -7.73
C LEU C 170 30.70 -9.55 -6.73
N PHE C 171 29.87 -9.04 -5.84
CA PHE C 171 30.31 -8.02 -4.91
C PHE C 171 31.36 -8.55 -3.95
N VAL C 172 31.14 -9.77 -3.44
CA VAL C 172 32.06 -10.36 -2.47
C VAL C 172 33.40 -10.68 -3.12
N ARG C 173 33.41 -11.09 -4.39
CA ARG C 173 34.68 -11.25 -5.10
C ARG C 173 35.47 -9.95 -5.17
N GLY C 174 34.80 -8.85 -5.45
CA GLY C 174 35.41 -7.52 -5.43
C GLY C 174 35.85 -7.09 -4.04
N LEU C 175 35.05 -7.39 -3.02
CA LEU C 175 35.44 -7.12 -1.63
C LEU C 175 36.76 -7.78 -1.25
N LEU C 176 36.87 -9.08 -1.56
CA LEU C 176 38.05 -9.88 -1.23
C LEU C 176 39.32 -9.34 -1.89
N GLU C 177 39.20 -8.92 -3.14
CA GLU C 177 40.31 -8.29 -3.86
C GLU C 177 40.71 -7.01 -3.10
N ALA C 178 39.76 -6.09 -2.89
CA ALA C 178 40.07 -4.78 -2.28
C ALA C 178 40.53 -4.84 -0.82
N GLY C 179 40.13 -5.87 -0.09
CA GLY C 179 40.49 -6.01 1.32
C GLY C 179 41.43 -7.16 1.62
N LYS C 180 42.17 -7.62 0.62
CA LYS C 180 43.11 -8.74 0.78
C LYS C 180 44.10 -8.51 1.91
N SER C 181 44.70 -7.33 1.93
CA SER C 181 45.76 -7.03 2.90
C SER C 181 45.22 -6.90 4.32
N ASP C 182 44.03 -6.32 4.51
CA ASP C 182 43.41 -6.32 5.83
C ASP C 182 42.99 -7.73 6.26
N LEU C 183 42.56 -8.56 5.32
CA LEU C 183 42.14 -9.93 5.62
C LEU C 183 43.30 -10.87 5.94
N GLU C 184 44.45 -10.64 5.34
CA GLU C 184 45.62 -11.49 5.50
C GLU C 184 46.62 -10.97 6.52
N LYS C 185 46.29 -9.85 7.20
CA LYS C 185 47.17 -9.29 8.23
C LYS C 185 47.50 -10.32 9.32
N GLN C 186 48.70 -10.20 9.90
CA GLN C 186 49.12 -11.00 11.06
C GLN C 186 49.48 -10.04 12.19
N GLU C 187 48.81 -10.16 13.33
CA GLU C 187 49.14 -9.40 14.55
C GLU C 187 49.54 -10.44 15.59
N LYS C 188 50.54 -10.13 16.42
CA LYS C 188 51.12 -11.11 17.32
C LYS C 188 50.40 -11.21 18.67
N PRO C 189 50.18 -12.45 19.16
CA PRO C 189 49.67 -12.58 20.54
C PRO C 189 50.70 -12.15 21.57
N VAL C 190 50.19 -11.68 22.70
CA VAL C 190 51.01 -11.43 23.87
C VAL C 190 50.37 -12.28 24.94
N ALA C 191 51.19 -12.95 25.73
CA ALA C 191 50.71 -13.87 26.76
C ALA C 191 51.04 -13.34 28.13
N TRP C 192 50.26 -13.74 29.14
CA TRP C 192 50.62 -13.55 30.55
C TRP C 192 49.92 -14.57 31.43
N LEU C 193 50.45 -14.80 32.62
CA LEU C 193 49.96 -15.85 33.52
C LEU C 193 49.38 -15.29 34.82
N SER C 194 48.51 -16.08 35.45
CA SER C 194 47.87 -15.72 36.71
C SER C 194 47.27 -16.96 37.39
N SER C 195 46.77 -16.78 38.61
CA SER C 195 46.30 -17.91 39.43
C SER C 195 45.16 -17.51 40.35
N VAL C 196 44.24 -18.44 40.59
CA VAL C 196 43.06 -18.22 41.44
C VAL C 196 42.72 -19.49 42.24
N PRO C 197 41.79 -19.38 43.24
CA PRO C 197 41.21 -20.55 43.89
C PRO C 197 39.79 -20.79 43.40
N GLY C 202 44.17 -27.15 49.39
CA GLY C 202 45.14 -26.69 48.40
C GLY C 202 44.80 -27.14 46.99
N HIS C 203 43.91 -26.38 46.33
CA HIS C 203 43.57 -26.57 44.90
C HIS C 203 43.60 -25.25 44.11
N ARG C 204 44.65 -25.08 43.31
CA ARG C 204 44.83 -23.88 42.48
C ARG C 204 44.25 -24.10 41.09
N GLN C 205 43.86 -23.00 40.45
CA GLN C 205 43.59 -22.97 39.02
C GLN C 205 44.58 -21.98 38.41
N LEU C 206 45.39 -22.46 37.45
CA LEU C 206 46.31 -21.60 36.70
C LEU C 206 45.64 -21.17 35.40
N VAL C 207 45.99 -19.96 34.94
CA VAL C 207 45.31 -19.33 33.81
C VAL C 207 46.34 -18.69 32.88
N CYS C 208 46.37 -19.15 31.63
CA CYS C 208 47.21 -18.57 30.59
C CYS C 208 46.42 -17.62 29.68
N HIS C 209 46.65 -16.31 29.81
CA HIS C 209 45.97 -15.30 29.03
C HIS C 209 46.78 -15.08 27.75
N VAL C 210 46.08 -15.04 26.61
CA VAL C 210 46.69 -14.79 25.30
C VAL C 210 45.84 -13.74 24.60
N SER C 211 46.44 -12.67 24.10
CA SER C 211 45.65 -11.54 23.59
C SER C 211 46.37 -10.70 22.56
N GLY C 212 45.59 -10.25 21.57
CA GLY C 212 46.08 -9.40 20.48
C GLY C 212 46.38 -10.11 19.16
N PHE C 213 45.91 -11.36 19.00
CA PHE C 213 46.28 -12.17 17.82
C PHE C 213 45.22 -12.14 16.72
N TYR C 214 45.70 -12.06 15.48
CA TYR C 214 44.88 -12.18 14.30
C TYR C 214 45.72 -12.89 13.24
N PRO C 215 45.19 -13.91 12.54
CA PRO C 215 43.78 -14.34 12.54
C PRO C 215 43.39 -15.28 13.70
N LYS C 216 42.15 -15.73 13.68
CA LYS C 216 41.54 -16.47 14.80
C LYS C 216 42.18 -17.84 15.20
N PRO C 217 42.70 -18.64 14.24
CA PRO C 217 43.26 -19.94 14.67
C PRO C 217 44.54 -19.81 15.52
N VAL C 218 44.59 -20.57 16.62
CA VAL C 218 45.67 -20.48 17.63
C VAL C 218 45.72 -21.78 18.48
N TRP C 219 46.90 -22.07 19.05
CA TRP C 219 47.12 -23.28 19.86
C TRP C 219 47.70 -22.88 21.23
N VAL C 220 47.02 -23.31 22.30
CA VAL C 220 47.41 -22.98 23.66
C VAL C 220 47.30 -24.23 24.55
N MET C 221 48.42 -24.69 25.10
CA MET C 221 48.44 -25.82 26.03
C MET C 221 49.36 -25.56 27.20
N TRP C 222 48.97 -26.06 28.37
CA TRP C 222 49.85 -26.12 29.54
C TRP C 222 50.80 -27.31 29.40
N MET C 223 52.04 -27.14 29.88
CA MET C 223 53.16 -27.99 29.53
C MET C 223 54.11 -28.21 30.70
N ARG C 224 54.64 -29.43 30.84
CA ARG C 224 55.86 -29.68 31.63
C ARG C 224 56.97 -30.09 30.65
N GLY C 225 57.88 -29.15 30.36
CA GLY C 225 58.96 -29.35 29.37
C GLY C 225 58.43 -29.69 27.99
N ASP C 226 58.41 -31.00 27.69
CA ASP C 226 57.96 -31.54 26.41
C ASP C 226 56.75 -32.48 26.59
N GLN C 227 55.83 -32.12 27.49
CA GLN C 227 54.68 -32.99 27.82
C GLN C 227 53.39 -32.20 28.04
N GLU C 228 52.44 -32.38 27.12
CA GLU C 228 51.19 -31.62 27.13
C GLU C 228 50.28 -32.07 28.26
N GLN C 229 49.96 -31.16 29.18
CA GLN C 229 49.07 -31.47 30.29
C GLN C 229 47.65 -31.46 29.75
N GLN C 230 47.08 -32.64 29.56
CA GLN C 230 45.75 -32.76 28.93
C GLN C 230 44.57 -32.60 29.91
N GLY C 231 44.79 -31.91 31.03
CA GLY C 231 43.72 -31.30 31.82
C GLY C 231 43.41 -29.85 31.43
N THR C 232 44.23 -29.27 30.55
CA THR C 232 44.04 -27.92 29.99
C THR C 232 42.62 -27.72 29.41
N HIS C 233 41.89 -26.72 29.92
CA HIS C 233 40.57 -26.33 29.38
C HIS C 233 40.67 -25.00 28.65
N ARG C 234 40.50 -25.05 27.34
CA ARG C 234 40.54 -23.88 26.47
C ARG C 234 39.20 -23.17 26.61
N GLY C 235 39.21 -21.85 26.81
CA GLY C 235 37.97 -21.04 26.84
C GLY C 235 37.48 -20.67 25.45
N ASP C 236 36.45 -19.83 25.39
CA ASP C 236 35.95 -19.31 24.11
C ASP C 236 36.85 -18.20 23.59
N PHE C 237 36.77 -17.95 22.29
CA PHE C 237 37.41 -16.78 21.68
C PHE C 237 36.59 -15.52 21.99
N LEU C 238 37.20 -14.58 22.71
CA LEU C 238 36.57 -13.29 23.06
C LEU C 238 37.22 -12.18 22.24
N PRO C 239 36.41 -11.23 21.71
CA PRO C 239 36.99 -10.20 20.85
C PRO C 239 37.59 -9.01 21.60
N ASN C 240 38.56 -8.34 20.97
CA ASN C 240 39.02 -7.01 21.38
C ASN C 240 38.44 -5.94 20.44
N ALA C 241 38.46 -4.69 20.89
CA ALA C 241 37.90 -3.55 20.14
C ALA C 241 38.59 -3.33 18.78
N ASP C 242 39.91 -3.55 18.73
CA ASP C 242 40.70 -3.36 17.51
C ASP C 242 40.66 -4.55 16.53
N GLU C 243 39.67 -5.44 16.70
CA GLU C 243 39.41 -6.57 15.81
C GLU C 243 40.50 -7.65 15.87
N THR C 244 41.12 -7.79 17.04
CA THR C 244 42.00 -8.91 17.34
C THR C 244 41.25 -9.71 18.39
N TRP C 245 41.81 -10.86 18.76
CA TRP C 245 41.15 -11.83 19.64
C TRP C 245 41.85 -12.05 20.99
N TYR C 246 41.06 -12.54 21.95
CA TYR C 246 41.52 -12.90 23.29
C TYR C 246 41.08 -14.33 23.61
N LEU C 247 41.93 -15.08 24.29
CA LEU C 247 41.66 -16.47 24.68
C LEU C 247 42.41 -16.82 25.96
N GLN C 248 41.77 -17.60 26.83
CA GLN C 248 42.46 -18.14 28.01
C GLN C 248 42.34 -19.67 28.18
N ALA C 249 43.44 -20.29 28.58
CA ALA C 249 43.52 -21.74 28.81
C ALA C 249 43.82 -21.97 30.29
N THR C 250 42.92 -22.64 30.97
CA THR C 250 43.02 -22.90 32.41
C THR C 250 43.54 -24.32 32.70
N LEU C 251 44.22 -24.48 33.84
CA LEU C 251 44.73 -25.79 34.31
C LEU C 251 44.58 -25.95 35.81
N ASP C 252 44.00 -27.08 36.24
CA ASP C 252 43.84 -27.38 37.67
C ASP C 252 45.04 -28.15 38.20
N VAL C 253 45.47 -27.82 39.43
CA VAL C 253 46.65 -28.45 40.07
C VAL C 253 46.57 -28.47 41.60
N GLU C 254 47.45 -29.26 42.21
CA GLU C 254 47.69 -29.23 43.67
C GLU C 254 48.58 -28.02 43.97
N ALA C 255 48.23 -27.23 44.99
CA ALA C 255 49.06 -26.10 45.43
C ALA C 255 50.44 -26.63 45.84
N GLY C 256 51.49 -25.87 45.49
CA GLY C 256 52.88 -26.34 45.62
C GLY C 256 53.45 -27.01 44.37
N GLU C 257 52.59 -27.63 43.57
CA GLU C 257 52.99 -28.39 42.37
C GLU C 257 53.12 -27.51 41.10
N GLU C 258 52.97 -26.19 41.26
CA GLU C 258 53.00 -25.25 40.12
C GLU C 258 54.38 -25.02 39.50
N ALA C 259 55.46 -25.47 40.16
CA ALA C 259 56.82 -25.31 39.64
C ALA C 259 57.03 -26.17 38.40
N GLY C 260 57.75 -25.62 37.42
CA GLY C 260 58.06 -26.33 36.16
C GLY C 260 56.97 -26.35 35.09
N LEU C 261 55.79 -25.79 35.37
CA LEU C 261 54.72 -25.66 34.37
C LEU C 261 54.96 -24.43 33.50
N ALA C 262 54.62 -24.56 32.22
CA ALA C 262 54.71 -23.45 31.28
C ALA C 262 53.45 -23.39 30.41
N CYS C 263 53.18 -22.23 29.83
CA CYS C 263 52.13 -22.08 28.84
C CYS C 263 52.76 -21.82 27.47
N ARG C 264 52.48 -22.73 26.52
CA ARG C 264 53.00 -22.64 25.16
C ARG C 264 51.90 -22.20 24.18
N VAL C 265 52.21 -21.16 23.40
CA VAL C 265 51.29 -20.55 22.45
C VAL C 265 51.91 -20.64 21.06
N LYS C 266 51.20 -21.28 20.13
CA LYS C 266 51.57 -21.32 18.71
C LYS C 266 50.57 -20.48 17.92
N HIS C 267 51.07 -19.70 16.98
CA HIS C 267 50.22 -18.88 16.14
C HIS C 267 50.97 -18.44 14.86
N SER C 268 50.23 -18.32 13.76
CA SER C 268 50.78 -18.01 12.42
C SER C 268 51.65 -16.74 12.31
N SER C 269 51.41 -15.77 13.19
CA SER C 269 52.16 -14.48 13.20
C SER C 269 53.57 -14.56 13.80
N LEU C 270 53.82 -15.61 14.58
CA LEU C 270 55.09 -15.78 15.29
C LEU C 270 56.23 -16.28 14.42
N GLY C 271 55.90 -16.96 13.32
CA GLY C 271 56.88 -17.40 12.34
C GLY C 271 57.85 -18.39 12.95
N GLY C 272 57.30 -19.43 13.58
CA GLY C 272 58.11 -20.53 14.13
C GLY C 272 58.48 -20.38 15.59
N GLN C 273 58.93 -19.18 15.97
CA GLN C 273 59.35 -18.86 17.35
C GLN C 273 58.15 -18.72 18.30
N ASP C 274 57.71 -19.85 18.86
CA ASP C 274 56.57 -19.89 19.80
C ASP C 274 56.85 -19.14 21.10
N ILE C 275 55.77 -18.78 21.79
CA ILE C 275 55.87 -18.09 23.08
C ILE C 275 55.76 -19.14 24.17
N ILE C 276 56.70 -19.10 25.11
CA ILE C 276 56.71 -19.97 26.30
C ILE C 276 56.90 -19.10 27.53
N LEU C 277 55.96 -19.18 28.47
CA LEU C 277 56.06 -18.48 29.76
C LEU C 277 56.04 -19.51 30.89
N TYR C 278 57.09 -19.52 31.72
CA TYR C 278 57.20 -20.47 32.83
C TYR C 278 56.67 -19.82 34.10
N TRP C 279 55.98 -20.62 34.93
CA TRP C 279 55.43 -20.12 36.20
C TRP C 279 56.53 -19.83 37.22
N GLN D 2 13.32 -16.59 26.87
CA GLN D 2 14.23 -15.62 27.55
C GLN D 2 15.46 -16.36 28.10
N LYS D 3 16.63 -15.76 27.92
CA LYS D 3 17.93 -16.40 28.24
C LYS D 3 18.85 -15.46 29.03
N THR D 4 19.47 -15.98 30.09
CA THR D 4 20.29 -15.19 31.05
C THR D 4 21.71 -14.91 30.51
N PRO D 5 22.06 -13.63 30.26
CA PRO D 5 23.34 -13.31 29.59
C PRO D 5 24.60 -13.79 30.31
N GLN D 6 25.55 -14.34 29.55
CA GLN D 6 26.93 -14.54 30.03
C GLN D 6 27.66 -13.20 29.96
N ILE D 7 28.54 -12.94 30.93
CA ILE D 7 29.31 -11.72 31.00
C ILE D 7 30.75 -12.07 31.29
N GLN D 8 31.69 -11.57 30.49
CA GLN D 8 33.12 -11.87 30.65
C GLN D 8 33.95 -10.60 30.65
N VAL D 9 34.65 -10.34 31.76
CA VAL D 9 35.47 -9.14 31.91
C VAL D 9 36.94 -9.48 31.73
N TYR D 10 37.65 -8.69 30.93
CA TYR D 10 39.06 -8.96 30.58
C TYR D 10 39.79 -7.74 30.03
N SER D 11 41.11 -7.71 30.20
CA SER D 11 41.93 -6.59 29.72
C SER D 11 42.57 -6.91 28.38
N ARG D 12 42.76 -5.87 27.58
CA ARG D 12 43.42 -5.98 26.28
C ARG D 12 44.89 -6.37 26.39
N HIS D 13 45.62 -5.66 27.26
CA HIS D 13 47.05 -5.85 27.42
C HIS D 13 47.28 -6.48 28.79
N PRO D 14 48.50 -7.00 29.06
CA PRO D 14 48.77 -7.51 30.42
C PRO D 14 48.71 -6.40 31.48
N PRO D 15 47.95 -6.63 32.58
CA PRO D 15 47.73 -5.59 33.57
C PRO D 15 48.96 -5.29 34.43
N GLU D 16 49.35 -4.01 34.49
CA GLU D 16 50.42 -3.53 35.36
C GLU D 16 49.94 -2.30 36.11
N ASN D 17 50.02 -2.31 37.44
CA ASN D 17 49.58 -1.17 38.23
C ASN D 17 50.23 0.14 37.76
N GLY D 18 49.42 1.17 37.58
CA GLY D 18 49.89 2.45 37.06
C GLY D 18 49.85 2.63 35.56
N LYS D 19 49.90 1.54 34.78
CA LYS D 19 49.98 1.63 33.31
C LYS D 19 48.60 1.71 32.64
N PRO D 20 48.39 2.70 31.73
CA PRO D 20 47.14 2.72 30.96
C PRO D 20 46.91 1.46 30.12
N ASN D 21 45.63 1.11 29.96
CA ASN D 21 45.21 -0.18 29.40
C ASN D 21 43.75 -0.03 28.93
N ILE D 22 43.20 -1.08 28.32
CA ILE D 22 41.79 -1.11 27.94
C ILE D 22 41.11 -2.29 28.64
N LEU D 23 39.93 -2.04 29.20
CA LEU D 23 39.11 -3.06 29.85
C LEU D 23 37.89 -3.36 28.97
N ASN D 24 37.62 -4.66 28.73
CA ASN D 24 36.53 -5.13 27.88
C ASN D 24 35.46 -5.85 28.69
N CYS D 25 34.22 -5.70 28.25
CA CYS D 25 33.11 -6.45 28.78
C CYS D 25 32.30 -7.04 27.62
N TYR D 26 32.31 -8.37 27.52
CA TYR D 26 31.66 -9.10 26.44
C TYR D 26 30.40 -9.79 27.00
N VAL D 27 29.24 -9.30 26.55
CA VAL D 27 27.94 -9.80 26.96
C VAL D 27 27.39 -10.65 25.80
N THR D 28 27.02 -11.90 26.08
CA THR D 28 26.60 -12.86 25.04
C THR D 28 25.37 -13.65 25.47
N GLN D 29 24.83 -14.41 24.53
CA GLN D 29 23.71 -15.36 24.74
C GLN D 29 22.49 -14.74 25.44
N PHE D 30 22.04 -13.59 24.96
CA PHE D 30 20.84 -12.93 25.49
C PHE D 30 19.76 -12.68 24.43
N HIS D 31 18.50 -12.70 24.86
CA HIS D 31 17.33 -12.58 23.99
C HIS D 31 16.15 -12.16 24.86
N PRO D 32 15.44 -11.05 24.58
CA PRO D 32 15.58 -10.13 23.42
C PRO D 32 16.83 -9.22 23.45
N PRO D 33 17.01 -8.35 22.43
CA PRO D 33 18.25 -7.56 22.33
C PRO D 33 18.32 -6.23 23.10
N HIS D 34 17.24 -5.75 23.72
CA HIS D 34 17.33 -4.54 24.56
C HIS D 34 18.14 -4.87 25.82
N ILE D 35 19.14 -4.03 26.11
CA ILE D 35 20.08 -4.30 27.21
C ILE D 35 20.79 -3.00 27.64
N GLU D 36 21.14 -2.93 28.93
CA GLU D 36 21.85 -1.78 29.48
C GLU D 36 23.16 -2.29 30.06
N ILE D 37 24.28 -1.74 29.59
CA ILE D 37 25.62 -2.12 30.04
C ILE D 37 26.30 -0.88 30.58
N GLN D 38 26.83 -0.99 31.80
CA GLN D 38 27.63 0.03 32.42
C GLN D 38 28.91 -0.65 32.90
N MET D 39 30.02 0.04 32.75
CA MET D 39 31.26 -0.39 33.37
C MET D 39 31.50 0.51 34.57
N LEU D 40 31.92 -0.09 35.68
CA LEU D 40 32.01 0.58 36.98
C LEU D 40 33.46 0.64 37.45
N LYS D 41 33.84 1.80 38.00
CA LYS D 41 35.07 1.97 38.78
C LYS D 41 34.66 2.25 40.23
N ASN D 42 35.02 1.35 41.14
CA ASN D 42 34.67 1.47 42.57
C ASN D 42 33.17 1.69 42.79
N GLY D 43 32.35 1.06 41.94
CA GLY D 43 30.89 1.21 41.99
C GLY D 43 30.31 2.41 41.24
N LYS D 44 31.13 3.38 40.84
CA LYS D 44 30.66 4.55 40.09
C LYS D 44 30.75 4.31 38.57
N LYS D 45 29.81 4.87 37.84
CA LYS D 45 29.72 4.68 36.40
C LYS D 45 30.86 5.41 35.69
N ILE D 46 31.60 4.67 34.85
CA ILE D 46 32.71 5.24 34.08
C ILE D 46 32.08 6.10 32.97
N PRO D 47 32.64 7.31 32.70
CA PRO D 47 31.88 8.26 31.87
C PRO D 47 31.80 8.02 30.32
N LYS D 48 32.90 7.69 29.66
CA LYS D 48 32.91 7.68 28.17
C LYS D 48 33.02 6.28 27.55
N VAL D 49 32.21 5.34 28.05
CA VAL D 49 32.31 3.92 27.69
C VAL D 49 31.86 3.68 26.24
N GLU D 50 32.77 3.18 25.40
CA GLU D 50 32.48 2.89 23.99
C GLU D 50 31.82 1.52 23.81
N MET D 51 31.08 1.38 22.71
CA MET D 51 30.30 0.19 22.45
C MET D 51 30.43 -0.23 20.99
N SER D 52 30.65 -1.52 20.74
CA SER D 52 30.64 -2.05 19.39
C SER D 52 29.16 -2.16 18.95
N ASP D 53 28.94 -2.25 17.64
CA ASP D 53 27.60 -2.46 17.12
C ASP D 53 27.11 -3.83 17.56
N MET D 54 25.85 -3.92 17.97
CA MET D 54 25.27 -5.20 18.34
C MET D 54 25.14 -6.10 17.11
N SER D 55 25.44 -7.38 17.31
CA SER D 55 25.30 -8.42 16.28
C SER D 55 24.68 -9.69 16.92
N PHE D 56 24.64 -10.79 16.18
CA PHE D 56 24.17 -12.08 16.73
C PHE D 56 24.93 -13.25 16.14
N SER D 57 24.95 -14.38 16.84
CA SER D 57 25.67 -15.60 16.41
C SER D 57 24.80 -16.51 15.54
N LYS D 58 25.39 -17.61 15.05
CA LYS D 58 24.66 -18.62 14.25
C LYS D 58 23.39 -19.12 14.91
N ASP D 59 23.40 -19.26 16.24
CA ASP D 59 22.24 -19.69 17.02
C ASP D 59 21.20 -18.59 17.33
N TRP D 60 21.34 -17.42 16.69
CA TRP D 60 20.40 -16.29 16.77
C TRP D 60 20.44 -15.47 18.07
N SER D 61 21.35 -15.83 18.98
CA SER D 61 21.51 -15.10 20.23
C SER D 61 22.41 -13.89 19.99
N PHE D 62 22.13 -12.81 20.71
CA PHE D 62 22.84 -11.56 20.54
C PHE D 62 24.13 -11.47 21.35
N TYR D 63 25.04 -10.62 20.90
CA TYR D 63 26.23 -10.28 21.66
C TYR D 63 26.68 -8.82 21.46
N ILE D 64 27.50 -8.31 22.37
CA ILE D 64 28.00 -6.93 22.26
C ILE D 64 29.23 -6.68 23.15
N LEU D 65 30.19 -5.95 22.61
CA LEU D 65 31.44 -5.64 23.28
C LEU D 65 31.48 -4.17 23.78
N ALA D 66 31.40 -4.00 25.10
CA ALA D 66 31.71 -2.73 25.75
C ALA D 66 33.21 -2.68 26.03
N HIS D 67 33.79 -1.48 25.96
CA HIS D 67 35.15 -1.29 26.43
C HIS D 67 35.40 0.15 26.82
N THR D 68 36.46 0.35 27.61
CA THR D 68 36.86 1.68 28.08
C THR D 68 38.33 1.69 28.52
N GLU D 69 38.91 2.89 28.59
CA GLU D 69 40.28 3.07 29.08
C GLU D 69 40.31 3.08 30.61
N PHE D 70 41.29 2.37 31.18
CA PHE D 70 41.46 2.27 32.62
C PHE D 70 42.93 2.10 32.91
N THR D 71 43.35 2.55 34.08
CA THR D 71 44.70 2.30 34.58
C THR D 71 44.51 1.54 35.91
N PRO D 72 44.86 0.24 35.94
CA PRO D 72 44.65 -0.56 37.16
C PRO D 72 45.56 -0.17 38.34
N THR D 73 45.08 -0.38 39.56
CA THR D 73 45.79 -0.02 40.79
C THR D 73 45.58 -1.08 41.87
N GLU D 74 46.40 -1.04 42.90
CA GLU D 74 46.26 -1.92 44.06
C GLU D 74 44.83 -1.97 44.60
N THR D 75 44.22 -0.80 44.79
CA THR D 75 42.93 -0.66 45.51
C THR D 75 41.66 -0.59 44.64
N ASP D 76 41.76 -0.06 43.42
CA ASP D 76 40.57 0.17 42.58
C ASP D 76 39.96 -1.11 41.99
N THR D 77 38.64 -1.26 42.15
CA THR D 77 37.86 -2.39 41.61
C THR D 77 37.03 -1.94 40.40
N TYR D 78 37.05 -2.78 39.37
CA TYR D 78 36.36 -2.53 38.13
C TYR D 78 35.37 -3.65 37.88
N ALA D 79 34.20 -3.29 37.35
CA ALA D 79 33.13 -4.27 37.10
C ALA D 79 32.29 -3.93 35.86
N CYS D 80 31.42 -4.86 35.51
CA CYS D 80 30.46 -4.68 34.41
C CYS D 80 29.09 -5.07 34.94
N ARG D 81 28.15 -4.14 34.89
CA ARG D 81 26.77 -4.34 35.36
C ARG D 81 25.79 -4.35 34.19
N VAL D 82 24.95 -5.38 34.16
CA VAL D 82 24.06 -5.66 33.04
C VAL D 82 22.61 -5.82 33.53
N LYS D 83 21.70 -5.04 32.94
CA LYS D 83 20.28 -5.10 33.24
C LYS D 83 19.52 -5.63 32.02
N HIS D 84 18.69 -6.65 32.22
CA HIS D 84 18.02 -7.35 31.12
C HIS D 84 16.75 -8.03 31.64
N ALA D 85 15.70 -8.04 30.83
CA ALA D 85 14.36 -8.52 31.25
C ALA D 85 14.37 -9.94 31.81
N SER D 86 15.22 -10.80 31.24
CA SER D 86 15.45 -12.20 31.68
C SER D 86 15.85 -12.39 33.14
N MET D 87 16.51 -11.40 33.72
CA MET D 87 16.93 -11.44 35.12
C MET D 87 16.03 -10.52 35.95
N ALA D 88 15.68 -10.96 37.16
CA ALA D 88 14.97 -10.10 38.11
C ALA D 88 15.89 -8.96 38.56
N GLU D 89 17.08 -9.33 39.06
CA GLU D 89 18.10 -8.37 39.53
C GLU D 89 19.23 -8.13 38.50
N PRO D 90 19.75 -6.89 38.41
CA PRO D 90 21.00 -6.61 37.67
C PRO D 90 22.19 -7.47 38.09
N LYS D 91 22.88 -8.08 37.13
CA LYS D 91 24.05 -8.93 37.39
C LYS D 91 25.33 -8.15 37.22
N THR D 92 26.21 -8.29 38.20
CA THR D 92 27.49 -7.60 38.24
C THR D 92 28.60 -8.65 38.23
N VAL D 93 29.63 -8.40 37.42
CA VAL D 93 30.76 -9.30 37.30
C VAL D 93 32.02 -8.45 37.45
N TYR D 94 32.84 -8.77 38.45
CA TYR D 94 34.02 -8.00 38.78
C TYR D 94 35.20 -8.46 37.95
N TRP D 95 36.00 -7.50 37.49
CA TRP D 95 37.28 -7.83 36.90
C TRP D 95 38.15 -8.60 37.90
N ASP D 96 38.65 -9.76 37.47
CA ASP D 96 39.28 -10.73 38.36
C ASP D 96 40.76 -10.43 38.63
N ARG D 97 41.39 -9.60 37.78
CA ARG D 97 42.83 -9.25 37.84
C ARG D 97 43.67 -10.46 37.44
N ASP D 98 43.61 -11.51 38.27
CA ASP D 98 44.23 -12.79 37.97
C ASP D 98 43.42 -13.55 36.91
C1 NAG E . 18.57 -18.45 -8.91
C2 NAG E . 17.69 -18.59 -10.15
C3 NAG E . 16.53 -19.54 -9.87
C4 NAG E . 17.02 -20.89 -9.36
C5 NAG E . 17.98 -20.70 -8.18
C6 NAG E . 18.59 -22.05 -7.78
C7 NAG E . 17.82 -16.43 -11.37
C8 NAG E . 17.03 -15.22 -11.76
N2 NAG E . 17.15 -17.33 -10.63
O3 NAG E . 15.73 -19.71 -11.05
O4 NAG E . 15.87 -21.66 -8.92
O5 NAG E . 19.02 -19.74 -8.50
O6 NAG E . 19.61 -21.94 -6.75
O7 NAG E . 18.99 -16.58 -11.70
C1 NAG E . 15.47 -22.72 -9.83
C2 NAG E . 14.77 -23.81 -9.02
C3 NAG E . 14.09 -24.86 -9.92
C4 NAG E . 13.34 -24.26 -11.10
C5 NAG E . 14.21 -23.21 -11.80
C6 NAG E . 13.51 -22.53 -12.99
C7 NAG E . 15.59 -24.71 -6.85
C8 NAG E . 16.75 -25.41 -6.21
N2 NAG E . 15.74 -24.47 -8.17
O3 NAG E . 13.14 -25.60 -9.14
O4 NAG E . 12.93 -25.32 -11.99
O5 NAG E . 14.59 -22.22 -10.84
O6 NAG E . 13.42 -21.11 -12.78
O7 NAG E . 14.61 -24.40 -6.19
C1 FUC E . 19.14 -22.05 -5.39
C2 FUC E . 20.34 -22.14 -4.42
C3 FUC E . 21.07 -20.78 -4.34
C4 FUC E . 20.08 -19.70 -3.92
C5 FUC E . 18.95 -19.68 -4.95
C6 FUC E . 17.96 -18.53 -4.74
O2 FUC E . 21.24 -23.19 -4.86
O3 FUC E . 22.20 -20.79 -3.45
O4 FUC E . 19.56 -19.96 -2.61
O5 FUC E . 18.29 -20.97 -4.95
NA NA F . -4.90 11.93 -17.05
NA NA G . -36.16 17.20 -37.44
NA NA H . -12.02 10.81 -2.02
NA NA I . -43.04 -1.54 -20.70
C1 PLM J . 19.51 -4.87 5.57
O1 PLM J . 18.73 -3.98 5.99
O2 PLM J . 19.58 -6.04 5.98
C2 PLM J . 20.45 -4.51 4.43
C3 PLM J . 21.89 -4.48 4.91
C4 PLM J . 22.72 -3.84 3.79
C5 PLM J . 24.15 -4.33 3.79
C6 PLM J . 24.88 -3.66 2.62
C7 PLM J . 26.09 -4.47 2.12
C8 PLM J . 26.11 -4.57 0.59
C9 PLM J . 26.07 -6.05 0.13
CA PLM J . 25.48 -6.16 -1.28
CB PLM J . 25.23 -7.64 -1.61
CC PLM J . 23.90 -8.04 -0.97
CD PLM J . 23.66 -9.54 -1.09
CE PLM J . 23.07 -10.09 0.21
CF PLM J . 21.71 -9.47 0.58
CG PLM J . 20.60 -10.02 -0.34
C1 NAG K . 5.69 1.69 22.20
C2 NAG K . 4.99 2.65 23.17
C3 NAG K . 5.97 3.68 23.75
C4 NAG K . 7.22 2.98 24.31
C5 NAG K . 7.86 2.17 23.17
C6 NAG K . 9.18 1.49 23.56
C7 NAG K . 2.61 2.91 22.57
C8 NAG K . 1.63 3.69 21.73
N2 NAG K . 3.89 3.29 22.47
O3 NAG K . 5.31 4.45 24.77
O4 NAG K . 8.13 3.92 24.90
O5 NAG K . 6.92 1.18 22.74
O6 NAG K . 8.97 0.38 24.42
O7 NAG K . 2.23 1.99 23.28
C1 NAG L . 13.80 4.27 12.74
C2 NAG L . 13.09 5.14 13.77
C3 NAG L . 11.74 5.69 13.31
C4 NAG L . 11.86 6.43 11.99
C5 NAG L . 12.54 5.46 11.00
C6 NAG L . 12.84 6.11 9.65
C7 NAG L . 13.39 4.66 16.14
C8 NAG L . 12.98 3.80 17.30
N2 NAG L . 12.82 4.39 14.98
O3 NAG L . 11.24 6.57 14.33
O4 NAG L . 10.57 6.95 11.56
O5 NAG L . 13.81 4.98 11.51
O6 NAG L . 14.14 6.71 9.68
O7 NAG L . 14.22 5.55 16.28
C1 ELM M . 12.91 -6.02 -2.84
O1 ELM M . 12.52 -9.21 3.89
O2 ELM M . 8.08 -7.65 0.96
C2 ELM M . 14.26 -6.22 -2.13
C3 ELM M . 14.09 -7.31 -1.07
O3 ELM M . 7.79 -4.94 0.42
C4 ELM M . 15.44 -7.38 -0.36
C5 ELM M . 15.30 -8.41 0.77
C6 ELM M . 16.70 -8.95 1.06
C7 ELM M . 17.14 -8.65 2.48
C8 ELM M . 6.23 -12.13 11.28
C9 ELM M . 5.19 -11.58 12.03
C10 ELM M . 3.86 -11.76 11.65
C11 ELM M . 3.59 -12.48 10.49
C12 ELM M . 4.64 -13.02 9.73
C13 ELM M . 5.97 -12.86 10.14
C14 ELM M . 7.12 -13.45 9.31
C15 ELM M . 7.90 -12.51 8.39
C16 ELM M . 8.72 -13.21 7.32
C17 ELM M . 9.67 -12.14 6.74
C18 ELM M . 10.25 -12.52 5.37
C21 ELM M . 11.45 -9.54 3.38
N1 ELM M . 10.78 -10.64 3.81
C19 ELM M . 11.29 -11.48 4.92
C22 ELM M . 10.86 -8.73 2.19
C23 ELM M . 10.30 -7.44 2.78
C24 ELM M . 10.07 -6.40 1.68
C25 ELM M . 9.22 -6.90 0.52
C26 ELM M . 8.70 -5.72 -0.34
C27 ELM M . 9.81 -4.79 -0.90
C28 ELM M . 9.19 -3.67 -1.78
O4 ELM M . 8.56 -4.28 -2.90
C31 ELM M . 7.81 -3.42 -3.74
C32 ELM M . 6.95 -4.26 -4.65
O5 ELM M . 6.06 -5.13 -3.88
C33 ELM M . 7.84 -5.09 -5.57
O6 ELM M . 7.00 -5.82 -6.48
C34 ELM M . 8.77 -4.24 -6.37
O7 ELM M . 8.02 -3.45 -7.28
C30 ELM M . 9.55 -3.32 -5.46
C29 ELM M . 10.30 -2.29 -6.33
O8 ELM M . 11.31 -1.69 -5.54
O9 ELM M . 8.69 -2.62 -4.54
N2 ELM M . 10.75 -5.57 -1.73
C20 ELM M . 12.00 -5.12 -1.96
O ELM M . 12.40 -4.06 -1.49
C40 ELM M . 18.67 -8.85 2.44
C41 ELM M . 19.38 -8.20 3.64
C42 ELM M . 19.01 -8.95 4.91
C43 ELM M . 20.30 -9.05 5.70
NA NA N . 14.13 -13.17 15.79
#